data_1X8Y
# 
_entry.id   1X8Y 
# 
_audit_conform.dict_name       mmcif_pdbx.dic 
_audit_conform.dict_version    5.388 
_audit_conform.dict_location   http://mmcif.pdb.org/dictionaries/ascii/mmcif_pdbx.dic 
# 
loop_
_database_2.database_id 
_database_2.database_code 
_database_2.pdbx_database_accession 
_database_2.pdbx_DOI 
PDB   1X8Y         pdb_00001x8y 10.2210/pdb1x8y/pdb 
RCSB  RCSB030088   ?            ?                   
WWPDB D_1000030088 ?            ?                   
# 
loop_
_pdbx_audit_revision_history.ordinal 
_pdbx_audit_revision_history.data_content_type 
_pdbx_audit_revision_history.major_revision 
_pdbx_audit_revision_history.minor_revision 
_pdbx_audit_revision_history.revision_date 
1 'Structure model' 1 0 2004-11-16 
2 'Structure model' 1 1 2008-04-30 
3 'Structure model' 1 2 2011-07-13 
4 'Structure model' 1 3 2024-03-13 
# 
_pdbx_audit_revision_details.ordinal             1 
_pdbx_audit_revision_details.revision_ordinal    1 
_pdbx_audit_revision_details.data_content_type   'Structure model' 
_pdbx_audit_revision_details.provider            repository 
_pdbx_audit_revision_details.type                'Initial release' 
_pdbx_audit_revision_details.description         ? 
_pdbx_audit_revision_details.details             ? 
# 
loop_
_pdbx_audit_revision_group.ordinal 
_pdbx_audit_revision_group.revision_ordinal 
_pdbx_audit_revision_group.data_content_type 
_pdbx_audit_revision_group.group 
1 2 'Structure model' 'Version format compliance' 
2 3 'Structure model' Advisory                    
3 3 'Structure model' 'Derived calculations'      
4 3 'Structure model' 'Version format compliance' 
5 4 'Structure model' 'Data collection'           
6 4 'Structure model' 'Database references'       
# 
loop_
_pdbx_audit_revision_category.ordinal 
_pdbx_audit_revision_category.revision_ordinal 
_pdbx_audit_revision_category.data_content_type 
_pdbx_audit_revision_category.category 
1 4 'Structure model' chem_comp_atom     
2 4 'Structure model' chem_comp_bond     
3 4 'Structure model' database_2         
4 4 'Structure model' struct_ref_seq_dif 
# 
loop_
_pdbx_audit_revision_item.ordinal 
_pdbx_audit_revision_item.revision_ordinal 
_pdbx_audit_revision_item.data_content_type 
_pdbx_audit_revision_item.item 
1 4 'Structure model' '_database_2.pdbx_DOI'                
2 4 'Structure model' '_database_2.pdbx_database_accession' 
3 4 'Structure model' '_struct_ref_seq_dif.details'         
# 
_pdbx_database_status.status_code                     REL 
_pdbx_database_status.entry_id                        1X8Y 
_pdbx_database_status.recvd_initial_deposition_date   2004-08-19 
_pdbx_database_status.deposit_site                    RCSB 
_pdbx_database_status.process_site                    PDBJ 
_pdbx_database_status.status_code_sf                  REL 
_pdbx_database_status.SG_entry                        . 
_pdbx_database_status.pdb_format_compatible           Y 
_pdbx_database_status.status_code_mr                  ? 
_pdbx_database_status.status_code_cs                  ? 
_pdbx_database_status.status_code_nmr_data            ? 
_pdbx_database_status.methods_development_category    ? 
# 
loop_
_audit_author.name 
_audit_author.pdbx_ordinal 
'Strelkov, S.V.' 1 
'Schumacher, J.' 2 
'Burkhard, P.'   3 
'Aebi, U.'       4 
'Herrmann, H.'   5 
# 
_citation.id                        primary 
_citation.title                     
'Crystal structure of the human lamin A coil 2B dimer: implications for the head-to-tail association of nuclear lamins' 
_citation.journal_abbrev            J.Mol.Biol. 
_citation.journal_volume            343 
_citation.page_first                1067 
_citation.page_last                 1080 
_citation.year                      2004 
_citation.journal_id_ASTM           JMOBAK 
_citation.country                   UK 
_citation.journal_id_ISSN           0022-2836 
_citation.journal_id_CSD            0070 
_citation.book_publisher            ? 
_citation.pdbx_database_id_PubMed   15476822 
_citation.pdbx_database_id_DOI      10.1016/j.jmb.2004.08.093 
# 
loop_
_citation_author.citation_id 
_citation_author.name 
_citation_author.ordinal 
_citation_author.identifier_ORCID 
primary 'Strelkov, S.V.' 1 ? 
primary 'Schumacher, J.' 2 ? 
primary 'Burkhard, P.'   3 ? 
primary 'Aebi, U.'       4 ? 
primary 'Herrmann, H.'   5 ? 
# 
loop_
_entity.id 
_entity.type 
_entity.src_method 
_entity.pdbx_description 
_entity.formula_weight 
_entity.pdbx_number_of_molecules 
_entity.pdbx_ec 
_entity.pdbx_mutation 
_entity.pdbx_fragment 
_entity.details 
1 polymer man 'Lamin A/C' 10194.621 1  ? ? 'human lamin A fragment (residues 305-387)' ? 
2 water   nat water       18.015    25 ? ? ?                                           ? 
# 
_entity_name_com.entity_id   1 
_entity_name_com.name        'lamin fragment 2B, 70 kDa lamin' 
# 
_entity_poly.entity_id                      1 
_entity_poly.type                           'polypeptide(L)' 
_entity_poly.nstd_linkage                   no 
_entity_poly.nstd_monomer                   no 
_entity_poly.pdbx_seq_one_letter_code       
;GSCQLSQLQCQLAAKEAKLRDLEDSLARERDTSRRLLAEKEREMAEMRARMQQQLDEYQELLDIKLALDMEIHAYRKLLE
GEEERL
;
_entity_poly.pdbx_seq_one_letter_code_can   
;GSCQLSQLQCQLAAKEAKLRDLEDSLARERDTSRRLLAEKEREMAEMRARMQQQLDEYQELLDIKLALDMEIHAYRKLLE
GEEERL
;
_entity_poly.pdbx_strand_id                 A 
_entity_poly.pdbx_target_identifier         ? 
# 
_pdbx_entity_nonpoly.entity_id   2 
_pdbx_entity_nonpoly.name        water 
_pdbx_entity_nonpoly.comp_id     HOH 
# 
loop_
_entity_poly_seq.entity_id 
_entity_poly_seq.num 
_entity_poly_seq.mon_id 
_entity_poly_seq.hetero 
1 1  GLY n 
1 2  SER n 
1 3  CYS n 
1 4  GLN n 
1 5  LEU n 
1 6  SER n 
1 7  GLN n 
1 8  LEU n 
1 9  GLN n 
1 10 CYS n 
1 11 GLN n 
1 12 LEU n 
1 13 ALA n 
1 14 ALA n 
1 15 LYS n 
1 16 GLU n 
1 17 ALA n 
1 18 LYS n 
1 19 LEU n 
1 20 ARG n 
1 21 ASP n 
1 22 LEU n 
1 23 GLU n 
1 24 ASP n 
1 25 SER n 
1 26 LEU n 
1 27 ALA n 
1 28 ARG n 
1 29 GLU n 
1 30 ARG n 
1 31 ASP n 
1 32 THR n 
1 33 SER n 
1 34 ARG n 
1 35 ARG n 
1 36 LEU n 
1 37 LEU n 
1 38 ALA n 
1 39 GLU n 
1 40 LYS n 
1 41 GLU n 
1 42 ARG n 
1 43 GLU n 
1 44 MET n 
1 45 ALA n 
1 46 GLU n 
1 47 MET n 
1 48 ARG n 
1 49 ALA n 
1 50 ARG n 
1 51 MET n 
1 52 GLN n 
1 53 GLN n 
1 54 GLN n 
1 55 LEU n 
1 56 ASP n 
1 57 GLU n 
1 58 TYR n 
1 59 GLN n 
1 60 GLU n 
1 61 LEU n 
1 62 LEU n 
1 63 ASP n 
1 64 ILE n 
1 65 LYS n 
1 66 LEU n 
1 67 ALA n 
1 68 LEU n 
1 69 ASP n 
1 70 MET n 
1 71 GLU n 
1 72 ILE n 
1 73 HIS n 
1 74 ALA n 
1 75 TYR n 
1 76 ARG n 
1 77 LYS n 
1 78 LEU n 
1 79 LEU n 
1 80 GLU n 
1 81 GLY n 
1 82 GLU n 
1 83 GLU n 
1 84 GLU n 
1 85 ARG n 
1 86 LEU n 
# 
_entity_src_gen.entity_id                          1 
_entity_src_gen.pdbx_src_id                        1 
_entity_src_gen.pdbx_alt_source_flag               sample 
_entity_src_gen.pdbx_seq_type                      ? 
_entity_src_gen.pdbx_beg_seq_num                   ? 
_entity_src_gen.pdbx_end_seq_num                   ? 
_entity_src_gen.gene_src_common_name               human 
_entity_src_gen.gene_src_genus                     Homo 
_entity_src_gen.pdbx_gene_src_gene                 ? 
_entity_src_gen.gene_src_species                   ? 
_entity_src_gen.gene_src_strain                    ? 
_entity_src_gen.gene_src_tissue                    ? 
_entity_src_gen.gene_src_tissue_fraction           ? 
_entity_src_gen.gene_src_details                   ? 
_entity_src_gen.pdbx_gene_src_fragment             ? 
_entity_src_gen.pdbx_gene_src_scientific_name      'Homo sapiens' 
_entity_src_gen.pdbx_gene_src_ncbi_taxonomy_id     9606 
_entity_src_gen.pdbx_gene_src_variant              ? 
_entity_src_gen.pdbx_gene_src_cell_line            ? 
_entity_src_gen.pdbx_gene_src_atcc                 ? 
_entity_src_gen.pdbx_gene_src_organ                ? 
_entity_src_gen.pdbx_gene_src_organelle            ? 
_entity_src_gen.pdbx_gene_src_cell                 ? 
_entity_src_gen.pdbx_gene_src_cellular_location    ? 
_entity_src_gen.host_org_common_name               ? 
_entity_src_gen.pdbx_host_org_scientific_name      'Escherichia coli' 
_entity_src_gen.pdbx_host_org_ncbi_taxonomy_id     562 
_entity_src_gen.host_org_genus                     Escherichia 
_entity_src_gen.pdbx_host_org_gene                 ? 
_entity_src_gen.pdbx_host_org_organ                ? 
_entity_src_gen.host_org_species                   ? 
_entity_src_gen.pdbx_host_org_tissue               ? 
_entity_src_gen.pdbx_host_org_tissue_fraction      ? 
_entity_src_gen.pdbx_host_org_strain               ? 
_entity_src_gen.pdbx_host_org_variant              ? 
_entity_src_gen.pdbx_host_org_cell_line            ? 
_entity_src_gen.pdbx_host_org_atcc                 ? 
_entity_src_gen.pdbx_host_org_culture_collection   ? 
_entity_src_gen.pdbx_host_org_cell                 ? 
_entity_src_gen.pdbx_host_org_organelle            ? 
_entity_src_gen.pdbx_host_org_cellular_location    ? 
_entity_src_gen.pdbx_host_org_vector_type          ? 
_entity_src_gen.pdbx_host_org_vector               ? 
_entity_src_gen.host_org_details                   ? 
_entity_src_gen.expression_system_id               ? 
_entity_src_gen.plasmid_name                       ? 
_entity_src_gen.plasmid_details                    ? 
_entity_src_gen.pdbx_description                   ? 
# 
loop_
_chem_comp.id 
_chem_comp.type 
_chem_comp.mon_nstd_flag 
_chem_comp.name 
_chem_comp.pdbx_synonyms 
_chem_comp.formula 
_chem_comp.formula_weight 
ALA 'L-peptide linking' y ALANINE         ? 'C3 H7 N O2'     89.093  
ARG 'L-peptide linking' y ARGININE        ? 'C6 H15 N4 O2 1' 175.209 
ASP 'L-peptide linking' y 'ASPARTIC ACID' ? 'C4 H7 N O4'     133.103 
CYS 'L-peptide linking' y CYSTEINE        ? 'C3 H7 N O2 S'   121.158 
GLN 'L-peptide linking' y GLUTAMINE       ? 'C5 H10 N2 O3'   146.144 
GLU 'L-peptide linking' y 'GLUTAMIC ACID' ? 'C5 H9 N O4'     147.129 
GLY 'peptide linking'   y GLYCINE         ? 'C2 H5 N O2'     75.067  
HIS 'L-peptide linking' y HISTIDINE       ? 'C6 H10 N3 O2 1' 156.162 
HOH non-polymer         . WATER           ? 'H2 O'           18.015  
ILE 'L-peptide linking' y ISOLEUCINE      ? 'C6 H13 N O2'    131.173 
LEU 'L-peptide linking' y LEUCINE         ? 'C6 H13 N O2'    131.173 
LYS 'L-peptide linking' y LYSINE          ? 'C6 H15 N2 O2 1' 147.195 
MET 'L-peptide linking' y METHIONINE      ? 'C5 H11 N O2 S'  149.211 
SER 'L-peptide linking' y SERINE          ? 'C3 H7 N O3'     105.093 
THR 'L-peptide linking' y THREONINE       ? 'C4 H9 N O3'     119.119 
TYR 'L-peptide linking' y TYROSINE        ? 'C9 H11 N O3'    181.189 
# 
loop_
_pdbx_poly_seq_scheme.asym_id 
_pdbx_poly_seq_scheme.entity_id 
_pdbx_poly_seq_scheme.seq_id 
_pdbx_poly_seq_scheme.mon_id 
_pdbx_poly_seq_scheme.ndb_seq_num 
_pdbx_poly_seq_scheme.pdb_seq_num 
_pdbx_poly_seq_scheme.auth_seq_num 
_pdbx_poly_seq_scheme.pdb_mon_id 
_pdbx_poly_seq_scheme.auth_mon_id 
_pdbx_poly_seq_scheme.pdb_strand_id 
_pdbx_poly_seq_scheme.pdb_ins_code 
_pdbx_poly_seq_scheme.hetero 
A 1 1  GLY 1  302 ?   ?   ?   A . n 
A 1 2  SER 2  303 ?   ?   ?   A . n 
A 1 3  CYS 3  304 ?   ?   ?   A . n 
A 1 4  GLN 4  305 ?   ?   ?   A . n 
A 1 5  LEU 5  306 ?   ?   ?   A . n 
A 1 6  SER 6  307 ?   ?   ?   A . n 
A 1 7  GLN 7  308 ?   ?   ?   A . n 
A 1 8  LEU 8  309 ?   ?   ?   A . n 
A 1 9  GLN 9  310 ?   ?   ?   A . n 
A 1 10 CYS 10 311 ?   ?   ?   A . n 
A 1 11 GLN 11 312 ?   ?   ?   A . n 
A 1 12 LEU 12 313 313 LEU LEU A . n 
A 1 13 ALA 13 314 314 ALA ALA A . n 
A 1 14 ALA 14 315 315 ALA ALA A . n 
A 1 15 LYS 15 316 316 LYS LYS A . n 
A 1 16 GLU 16 317 317 GLU GLU A . n 
A 1 17 ALA 17 318 318 ALA ALA A . n 
A 1 18 LYS 18 319 319 LYS LYS A . n 
A 1 19 LEU 19 320 320 LEU LEU A . n 
A 1 20 ARG 20 321 321 ARG ARG A . n 
A 1 21 ASP 21 322 322 ASP ASP A . n 
A 1 22 LEU 22 323 323 LEU LEU A . n 
A 1 23 GLU 23 324 324 GLU GLU A . n 
A 1 24 ASP 24 325 325 ASP ASP A . n 
A 1 25 SER 25 326 326 SER SER A . n 
A 1 26 LEU 26 327 327 LEU LEU A . n 
A 1 27 ALA 27 328 328 ALA ALA A . n 
A 1 28 ARG 28 329 329 ARG ARG A . n 
A 1 29 GLU 29 330 330 GLU GLU A . n 
A 1 30 ARG 30 331 331 ARG ARG A . n 
A 1 31 ASP 31 332 332 ASP ASP A . n 
A 1 32 THR 32 333 333 THR THR A . n 
A 1 33 SER 33 334 334 SER SER A . n 
A 1 34 ARG 34 335 335 ARG ARG A . n 
A 1 35 ARG 35 336 336 ARG ARG A . n 
A 1 36 LEU 36 337 337 LEU LEU A . n 
A 1 37 LEU 37 338 338 LEU LEU A . n 
A 1 38 ALA 38 339 339 ALA ALA A . n 
A 1 39 GLU 39 340 340 GLU GLU A . n 
A 1 40 LYS 40 341 341 LYS LYS A . n 
A 1 41 GLU 41 342 342 GLU GLU A . n 
A 1 42 ARG 42 343 343 ARG ARG A . n 
A 1 43 GLU 43 344 344 GLU GLU A . n 
A 1 44 MET 44 345 345 MET MET A . n 
A 1 45 ALA 45 346 346 ALA ALA A . n 
A 1 46 GLU 46 347 347 GLU GLU A . n 
A 1 47 MET 47 348 348 MET MET A . n 
A 1 48 ARG 48 349 349 ARG ARG A . n 
A 1 49 ALA 49 350 350 ALA ALA A . n 
A 1 50 ARG 50 351 351 ARG ARG A . n 
A 1 51 MET 51 352 352 MET MET A . n 
A 1 52 GLN 52 353 353 GLN GLN A . n 
A 1 53 GLN 53 354 354 GLN GLN A . n 
A 1 54 GLN 54 355 355 GLN GLN A . n 
A 1 55 LEU 55 356 356 LEU LEU A . n 
A 1 56 ASP 56 357 357 ASP ASP A . n 
A 1 57 GLU 57 358 358 GLU GLU A . n 
A 1 58 TYR 58 359 359 TYR TYR A . n 
A 1 59 GLN 59 360 360 GLN GLN A . n 
A 1 60 GLU 60 361 361 GLU GLU A . n 
A 1 61 LEU 61 362 362 LEU LEU A . n 
A 1 62 LEU 62 363 363 LEU LEU A . n 
A 1 63 ASP 63 364 364 ASP ASP A . n 
A 1 64 ILE 64 365 365 ILE ILE A . n 
A 1 65 LYS 65 366 366 LYS LYS A . n 
A 1 66 LEU 66 367 367 LEU LEU A . n 
A 1 67 ALA 67 368 368 ALA ALA A . n 
A 1 68 LEU 68 369 369 LEU LEU A . n 
A 1 69 ASP 69 370 370 ASP ASP A . n 
A 1 70 MET 70 371 371 MET MET A . n 
A 1 71 GLU 71 372 372 GLU GLU A . n 
A 1 72 ILE 72 373 373 ILE ILE A . n 
A 1 73 HIS 73 374 374 HIS HIS A . n 
A 1 74 ALA 74 375 375 ALA ALA A . n 
A 1 75 TYR 75 376 376 TYR TYR A . n 
A 1 76 ARG 76 377 377 ARG ARG A . n 
A 1 77 LYS 77 378 378 LYS LYS A . n 
A 1 78 LEU 78 379 379 LEU LEU A . n 
A 1 79 LEU 79 380 380 LEU LEU A . n 
A 1 80 GLU 80 381 381 GLU GLU A . n 
A 1 81 GLY 81 382 382 GLY GLY A . n 
A 1 82 GLU 82 383 383 GLU GLU A . n 
A 1 83 GLU 83 384 384 GLU GLU A . n 
A 1 84 GLU 84 385 385 GLU GLU A . n 
A 1 85 ARG 85 386 386 ARG ARG A . n 
A 1 86 LEU 86 387 ?   ?   ?   A . n 
# 
loop_
_pdbx_nonpoly_scheme.asym_id 
_pdbx_nonpoly_scheme.entity_id 
_pdbx_nonpoly_scheme.mon_id 
_pdbx_nonpoly_scheme.ndb_seq_num 
_pdbx_nonpoly_scheme.pdb_seq_num 
_pdbx_nonpoly_scheme.auth_seq_num 
_pdbx_nonpoly_scheme.pdb_mon_id 
_pdbx_nonpoly_scheme.auth_mon_id 
_pdbx_nonpoly_scheme.pdb_strand_id 
_pdbx_nonpoly_scheme.pdb_ins_code 
B 2 HOH 1  2   2   HOH HOH A . 
B 2 HOH 2  3   3   HOH HOH A . 
B 2 HOH 3  4   4   HOH HOH A . 
B 2 HOH 4  5   5   HOH HOH A . 
B 2 HOH 5  7   7   HOH HOH A . 
B 2 HOH 6  8   8   HOH HOH A . 
B 2 HOH 7  9   9   HOH HOH A . 
B 2 HOH 8  10  10  HOH HOH A . 
B 2 HOH 9  11  11  HOH HOH A . 
B 2 HOH 10 12  12  HOH HOH A . 
B 2 HOH 11 13  13  HOH HOH A . 
B 2 HOH 12 14  14  HOH HOH A . 
B 2 HOH 13 15  15  HOH HOH A . 
B 2 HOH 14 17  17  HOH HOH A . 
B 2 HOH 15 18  18  HOH HOH A . 
B 2 HOH 16 19  19  HOH HOH A . 
B 2 HOH 17 20  20  HOH HOH A . 
B 2 HOH 18 21  21  HOH HOH A . 
B 2 HOH 19 22  22  HOH HOH A . 
B 2 HOH 20 23  23  HOH HOH A . 
B 2 HOH 21 24  24  HOH HOH A . 
B 2 HOH 22 101 101 HOH HOH A . 
B 2 HOH 23 115 115 HOH HOH A . 
B 2 HOH 24 118 118 HOH HOH A . 
B 2 HOH 25 131 131 HOH HOH A . 
# 
loop_
_pdbx_unobs_or_zero_occ_atoms.id 
_pdbx_unobs_or_zero_occ_atoms.PDB_model_num 
_pdbx_unobs_or_zero_occ_atoms.polymer_flag 
_pdbx_unobs_or_zero_occ_atoms.occupancy_flag 
_pdbx_unobs_or_zero_occ_atoms.auth_asym_id 
_pdbx_unobs_or_zero_occ_atoms.auth_comp_id 
_pdbx_unobs_or_zero_occ_atoms.auth_seq_id 
_pdbx_unobs_or_zero_occ_atoms.PDB_ins_code 
_pdbx_unobs_or_zero_occ_atoms.auth_atom_id 
_pdbx_unobs_or_zero_occ_atoms.label_alt_id 
_pdbx_unobs_or_zero_occ_atoms.label_asym_id 
_pdbx_unobs_or_zero_occ_atoms.label_comp_id 
_pdbx_unobs_or_zero_occ_atoms.label_seq_id 
_pdbx_unobs_or_zero_occ_atoms.label_atom_id 
1  1 Y 1 A LEU 313 ? CD1 ? A LEU 12 CD1 
2  1 Y 1 A LEU 313 ? CD2 ? A LEU 12 CD2 
3  1 Y 1 A LYS 316 ? CD  ? A LYS 15 CD  
4  1 Y 1 A LYS 316 ? CE  ? A LYS 15 CE  
5  1 Y 1 A LYS 316 ? NZ  ? A LYS 15 NZ  
6  1 Y 1 A GLU 317 ? CD  ? A GLU 16 CD  
7  1 Y 1 A GLU 317 ? OE1 ? A GLU 16 OE1 
8  1 Y 1 A GLU 317 ? OE2 ? A GLU 16 OE2 
9  1 Y 1 A LYS 319 ? CD  ? A LYS 18 CD  
10 1 Y 1 A LYS 319 ? CE  ? A LYS 18 CE  
11 1 Y 1 A LYS 319 ? NZ  ? A LYS 18 NZ  
12 1 Y 1 A LEU 320 ? CD1 ? A LEU 19 CD1 
13 1 Y 1 A LEU 320 ? CD2 ? A LEU 19 CD2 
14 1 Y 1 A ARG 321 ? CD  ? A ARG 20 CD  
15 1 Y 1 A ARG 321 ? NE  ? A ARG 20 NE  
16 1 Y 1 A ARG 321 ? CZ  ? A ARG 20 CZ  
17 1 Y 1 A ARG 321 ? NH1 ? A ARG 20 NH1 
18 1 Y 1 A ARG 321 ? NH2 ? A ARG 20 NH2 
19 1 Y 1 A ASP 322 ? OD1 ? A ASP 21 OD1 
20 1 Y 1 A ASP 322 ? OD2 ? A ASP 21 OD2 
21 1 Y 1 A LEU 323 ? CD1 ? A LEU 22 CD1 
22 1 Y 1 A LEU 323 ? CD2 ? A LEU 22 CD2 
23 1 Y 1 A GLU 324 ? CD  ? A GLU 23 CD  
24 1 Y 1 A GLU 324 ? OE1 ? A GLU 23 OE1 
25 1 Y 1 A GLU 324 ? OE2 ? A GLU 23 OE2 
# 
loop_
_software.name 
_software.classification 
_software.version 
_software.citation_id 
_software.pdbx_ordinal 
REFMAC    refinement       5.1.24 ? 1 
DENZO     'data reduction' .      ? 2 
SCALEPACK 'data scaling'   .      ? 3 
MOLREP    phasing          .      ? 4 
# 
_cell.entry_id           1X8Y 
_cell.length_a           89.267 
_cell.length_b           89.267 
_cell.length_c           75.589 
_cell.angle_alpha        90.00 
_cell.angle_beta         90.00 
_cell.angle_gamma        120.00 
_cell.Z_PDB              12 
_cell.pdbx_unique_axis   ? 
# 
_symmetry.entry_id                         1X8Y 
_symmetry.space_group_name_H-M             'P 65 2 2' 
_symmetry.pdbx_full_space_group_name_H-M   ? 
_symmetry.cell_setting                     ? 
_symmetry.Int_Tables_number                179 
_symmetry.space_group_name_Hall            ? 
# 
_exptl.entry_id          1X8Y 
_exptl.method            'X-RAY DIFFRACTION' 
_exptl.crystals_number   1 
# 
_exptl_crystal.id                    1 
_exptl_crystal.density_meas          ? 
_exptl_crystal.density_Matthews      4.26 
_exptl_crystal.density_percent_sol   71.15 
_exptl_crystal.description           ? 
_exptl_crystal.F_000                 ? 
_exptl_crystal.preparation           ? 
# 
_exptl_crystal_grow.crystal_id      1 
_exptl_crystal_grow.method          'VAPOR DIFFUSION, HANGING DROP' 
_exptl_crystal_grow.temp            293 
_exptl_crystal_grow.temp_details    ? 
_exptl_crystal_grow.pH              7.5 
_exptl_crystal_grow.pdbx_details    '0.7M Na/K tartrate, pH 7.5, VAPOR DIFFUSION, HANGING DROP, temperature 293K' 
_exptl_crystal_grow.pdbx_pH_range   . 
# 
_diffrn.id                     1 
_diffrn.ambient_temp           100 
_diffrn.ambient_temp_details   ? 
_diffrn.crystal_id             1 
# 
_diffrn_detector.diffrn_id              1 
_diffrn_detector.detector               CCD 
_diffrn_detector.type                   ? 
_diffrn_detector.pdbx_collection_date   2002-10-20 
_diffrn_detector.details                ? 
# 
_diffrn_radiation.diffrn_id                        1 
_diffrn_radiation.wavelength_id                    1 
_diffrn_radiation.pdbx_monochromatic_or_laue_m_l   M 
_diffrn_radiation.monochromator                    ? 
_diffrn_radiation.pdbx_diffrn_protocol             'SINGLE WAVELENGTH' 
_diffrn_radiation.pdbx_scattering_type             x-ray 
# 
_diffrn_radiation_wavelength.id           1 
_diffrn_radiation_wavelength.wavelength   0.9 
_diffrn_radiation_wavelength.wt           1.0 
# 
_diffrn_source.diffrn_id                   1 
_diffrn_source.source                      SYNCHROTRON 
_diffrn_source.type                        'SLS BEAMLINE X06SA' 
_diffrn_source.pdbx_synchrotron_site       SLS 
_diffrn_source.pdbx_synchrotron_beamline   X06SA 
_diffrn_source.pdbx_wavelength             ? 
_diffrn_source.pdbx_wavelength_list        0.9 
# 
_reflns.entry_id                     1X8Y 
_reflns.observed_criterion_sigma_F   0 
_reflns.observed_criterion_sigma_I   0 
_reflns.d_resolution_high            2.2 
_reflns.d_resolution_low             50 
_reflns.number_all                   9494 
_reflns.number_obs                   9456 
_reflns.percent_possible_obs         99.6 
_reflns.pdbx_Rmerge_I_obs            ? 
_reflns.pdbx_Rsym_value              0.071 
_reflns.pdbx_netI_over_sigmaI        9 
_reflns.B_iso_Wilson_estimate        ? 
_reflns.pdbx_redundancy              10.5 
_reflns.R_free_details               ? 
_reflns.limit_h_max                  ? 
_reflns.limit_h_min                  ? 
_reflns.limit_k_max                  ? 
_reflns.limit_k_min                  ? 
_reflns.limit_l_max                  ? 
_reflns.limit_l_min                  ? 
_reflns.observed_criterion_F_max     ? 
_reflns.observed_criterion_F_min     ? 
_reflns.pdbx_chi_squared             ? 
_reflns.pdbx_scaling_rejects         ? 
_reflns.pdbx_ordinal                 1 
_reflns.pdbx_diffrn_id               1 
# 
_reflns_shell.d_res_high             2.2 
_reflns_shell.d_res_low              2.28 
_reflns_shell.percent_possible_all   100 
_reflns_shell.Rmerge_I_obs           ? 
_reflns_shell.pdbx_Rsym_value        0.518 
_reflns_shell.meanI_over_sigI_obs    1.6 
_reflns_shell.pdbx_redundancy        11 
_reflns_shell.percent_possible_obs   ? 
_reflns_shell.number_unique_all      ? 
_reflns_shell.number_measured_all    ? 
_reflns_shell.number_measured_obs    ? 
_reflns_shell.number_unique_obs      ? 
_reflns_shell.pdbx_chi_squared       ? 
_reflns_shell.pdbx_ordinal           1 
_reflns_shell.pdbx_diffrn_id         1 
# 
_refine.entry_id                                 1X8Y 
_refine.ls_number_reflns_obs                     9456 
_refine.ls_number_reflns_all                     9494 
_refine.pdbx_ls_sigma_I                          ? 
_refine.pdbx_ls_sigma_F                          0 
_refine.pdbx_data_cutoff_high_absF               ? 
_refine.pdbx_data_cutoff_low_absF                ? 
_refine.pdbx_data_cutoff_high_rms_absF           ? 
_refine.ls_d_res_low                             50.00 
_refine.ls_d_res_high                            2.20 
_refine.ls_percent_reflns_obs                    ? 
_refine.ls_R_factor_obs                          0.27587 
_refine.ls_R_factor_all                          0.27587 
_refine.ls_R_factor_R_work                       0.27446 
_refine.ls_R_factor_R_free                       0.3046 
_refine.ls_R_factor_R_free_error                 ? 
_refine.ls_R_factor_R_free_error_details         ? 
_refine.ls_percent_reflns_R_free                 4.8 
_refine.ls_number_reflns_R_free                  453 
_refine.ls_number_parameters                     ? 
_refine.ls_number_restraints                     ? 
_refine.occupancy_min                            ? 
_refine.occupancy_max                            ? 
_refine.correlation_coeff_Fo_to_Fc               0.915 
_refine.correlation_coeff_Fo_to_Fc_free          0.890 
_refine.B_iso_mean                               46.079 
_refine.aniso_B[1][1]                            2.42 
_refine.aniso_B[2][2]                            2.42 
_refine.aniso_B[3][3]                            -3.62 
_refine.aniso_B[1][2]                            1.21 
_refine.aniso_B[1][3]                            0.00 
_refine.aniso_B[2][3]                            0.00 
_refine.solvent_model_details                    'BABINET MODEL WITH MASK' 
_refine.solvent_model_param_ksol                 ? 
_refine.solvent_model_param_bsol                 ? 
_refine.pdbx_solvent_vdw_probe_radii             1.40 
_refine.pdbx_solvent_ion_probe_radii             0.80 
_refine.pdbx_solvent_shrinkage_radii             0.80 
_refine.pdbx_ls_cross_valid_method               THROUGHOUT 
_refine.details                                  ? 
_refine.pdbx_starting_model                      ? 
_refine.pdbx_method_to_determine_struct          'MOLECULAR REPLACEMENT' 
_refine.pdbx_isotropic_thermal_model             ? 
_refine.pdbx_stereochemistry_target_values       ? 
_refine.pdbx_stereochem_target_val_spec_case     ? 
_refine.pdbx_R_Free_selection_details            RANDOM 
_refine.pdbx_overall_ESU_R                       0.191 
_refine.pdbx_overall_ESU_R_Free                  0.180 
_refine.overall_SU_ML                            0.134 
_refine.overall_SU_B                             5.373 
_refine.ls_redundancy_reflns_obs                 ? 
_refine.B_iso_min                                ? 
_refine.B_iso_max                                ? 
_refine.overall_SU_R_Cruickshank_DPI             ? 
_refine.overall_SU_R_free                        ? 
_refine.ls_wR_factor_R_free                      ? 
_refine.ls_wR_factor_R_work                      ? 
_refine.overall_FOM_free_R_set                   ? 
_refine.overall_FOM_work_R_set                   ? 
_refine.pdbx_refine_id                           'X-RAY DIFFRACTION' 
_refine.pdbx_TLS_residual_ADP_flag               'LIKELY RESIDUAL' 
_refine.pdbx_diffrn_id                           1 
_refine.pdbx_overall_phase_error                 ? 
_refine.pdbx_overall_SU_R_free_Cruickshank_DPI   ? 
_refine.pdbx_overall_SU_R_Blow_DPI               ? 
_refine.pdbx_overall_SU_R_free_Blow_DPI          ? 
# 
_refine_hist.pdbx_refine_id                   'X-RAY DIFFRACTION' 
_refine_hist.cycle_id                         LAST 
_refine_hist.pdbx_number_atoms_protein        594 
_refine_hist.pdbx_number_atoms_nucleic_acid   0 
_refine_hist.pdbx_number_atoms_ligand         0 
_refine_hist.number_atoms_solvent             25 
_refine_hist.number_atoms_total               619 
_refine_hist.d_res_high                       2.20 
_refine_hist.d_res_low                        50.00 
# 
loop_
_refine_ls_restr.type 
_refine_ls_restr.dev_ideal 
_refine_ls_restr.dev_ideal_target 
_refine_ls_restr.weight 
_refine_ls_restr.number 
_refine_ls_restr.pdbx_refine_id 
_refine_ls_restr.pdbx_restraint_function 
r_bond_refined_d         0.011 0.021 ? 603 'X-RAY DIFFRACTION' ? 
r_bond_other_d           ?     ?     ? ?   'X-RAY DIFFRACTION' ? 
r_angle_refined_deg      1.026 1.994 ? 800 'X-RAY DIFFRACTION' ? 
r_angle_other_deg        ?     ?     ? ?   'X-RAY DIFFRACTION' ? 
r_dihedral_angle_1_deg   4.248 5.000 ? 73  'X-RAY DIFFRACTION' ? 
r_dihedral_angle_2_deg   ?     ?     ? ?   'X-RAY DIFFRACTION' ? 
r_dihedral_angle_3_deg   ?     ?     ? ?   'X-RAY DIFFRACTION' ? 
r_dihedral_angle_4_deg   ?     ?     ? ?   'X-RAY DIFFRACTION' ? 
r_chiral_restr           0.061 0.200 ? 87  'X-RAY DIFFRACTION' ? 
r_gen_planes_refined     0.003 0.020 ? 443 'X-RAY DIFFRACTION' ? 
r_gen_planes_other       ?     ?     ? ?   'X-RAY DIFFRACTION' ? 
r_nbd_refined            0.181 0.200 ? 220 'X-RAY DIFFRACTION' ? 
r_nbd_other              ?     ?     ? ?   'X-RAY DIFFRACTION' ? 
r_nbtor_refined          ?     ?     ? ?   'X-RAY DIFFRACTION' ? 
r_nbtor_other            ?     ?     ? ?   'X-RAY DIFFRACTION' ? 
r_xyhbond_nbd_refined    0.158 0.200 ? 24  'X-RAY DIFFRACTION' ? 
r_xyhbond_nbd_other      ?     ?     ? ?   'X-RAY DIFFRACTION' ? 
r_metal_ion_refined      ?     ?     ? ?   'X-RAY DIFFRACTION' ? 
r_metal_ion_other        ?     ?     ? ?   'X-RAY DIFFRACTION' ? 
r_symmetry_vdw_refined   0.215 0.200 ? 51  'X-RAY DIFFRACTION' ? 
r_symmetry_vdw_other     ?     ?     ? ?   'X-RAY DIFFRACTION' ? 
r_symmetry_hbond_refined 0.247 0.200 ? 6   'X-RAY DIFFRACTION' ? 
r_symmetry_hbond_other   ?     ?     ? ?   'X-RAY DIFFRACTION' ? 
r_mcbond_it              0.783 1.500 ? 369 'X-RAY DIFFRACTION' ? 
r_mcbond_other           ?     ?     ? ?   'X-RAY DIFFRACTION' ? 
r_mcangle_it             1.500 2.000 ? 586 'X-RAY DIFFRACTION' ? 
r_scbond_it              2.081 3.000 ? 234 'X-RAY DIFFRACTION' ? 
r_scangle_it             3.754 4.500 ? 214 'X-RAY DIFFRACTION' ? 
r_rigid_bond_restr       ?     ?     ? ?   'X-RAY DIFFRACTION' ? 
r_sphericity_free        ?     ?     ? ?   'X-RAY DIFFRACTION' ? 
r_sphericity_bonded      ?     ?     ? ?   'X-RAY DIFFRACTION' ? 
# 
_refine_ls_shell.pdbx_total_number_of_bins_used   20 
_refine_ls_shell.d_res_high                       2.200 
_refine_ls_shell.d_res_low                        2.257 
_refine_ls_shell.number_reflns_R_work             670 
_refine_ls_shell.R_factor_R_work                  0.32 
_refine_ls_shell.percent_reflns_obs               ? 
_refine_ls_shell.R_factor_R_free                  0.286 
_refine_ls_shell.R_factor_R_free_error            ? 
_refine_ls_shell.percent_reflns_R_free            ? 
_refine_ls_shell.number_reflns_R_free             20 
_refine_ls_shell.number_reflns_obs                ? 
_refine_ls_shell.redundancy_reflns_obs            ? 
_refine_ls_shell.number_reflns_all                ? 
_refine_ls_shell.pdbx_refine_id                   'X-RAY DIFFRACTION' 
_refine_ls_shell.R_factor_all                     ? 
# 
_struct.entry_id                  1X8Y 
_struct.title                     'Human lamin coil 2B' 
_struct.pdbx_model_details        ? 
_struct.pdbx_CASP_flag            ? 
_struct.pdbx_model_type_details   ? 
# 
_struct_keywords.entry_id        1X8Y 
_struct_keywords.pdbx_keywords   'STRUCTURAL PROTEIN' 
_struct_keywords.text            'Structural Protein, Intermediate filament protein' 
# 
loop_
_struct_asym.id 
_struct_asym.pdbx_blank_PDB_chainid_flag 
_struct_asym.pdbx_modified 
_struct_asym.entity_id 
_struct_asym.details 
A N N 1 ? 
B N N 2 ? 
# 
_struct_ref.id                         1 
_struct_ref.db_name                    UNP 
_struct_ref.db_code                    LMNA_HUMAN 
_struct_ref.pdbx_db_accession          P02545 
_struct_ref.entity_id                  1 
_struct_ref.pdbx_seq_one_letter_code   
;QLSQLQKQLAAKEAKLRDLEDSLARERDTSRRLLAEKEREMAEMRARMQQQLDEYQELLDIKLALDMEIHAYRKLLEGEE
ERL
;
_struct_ref.pdbx_align_begin           312 
_struct_ref.pdbx_db_isoform            ? 
# 
_struct_ref_seq.align_id                      1 
_struct_ref_seq.ref_id                        1 
_struct_ref_seq.pdbx_PDB_id_code              1X8Y 
_struct_ref_seq.pdbx_strand_id                A 
_struct_ref_seq.seq_align_beg                 4 
_struct_ref_seq.pdbx_seq_align_beg_ins_code   ? 
_struct_ref_seq.seq_align_end                 86 
_struct_ref_seq.pdbx_seq_align_end_ins_code   ? 
_struct_ref_seq.pdbx_db_accession             P02545 
_struct_ref_seq.db_align_beg                  305 
_struct_ref_seq.pdbx_db_align_beg_ins_code    ? 
_struct_ref_seq.db_align_end                  387 
_struct_ref_seq.pdbx_db_align_end_ins_code    ? 
_struct_ref_seq.pdbx_auth_seq_align_beg       305 
_struct_ref_seq.pdbx_auth_seq_align_end       387 
# 
loop_
_struct_ref_seq_dif.align_id 
_struct_ref_seq_dif.pdbx_pdb_id_code 
_struct_ref_seq_dif.mon_id 
_struct_ref_seq_dif.pdbx_pdb_strand_id 
_struct_ref_seq_dif.seq_num 
_struct_ref_seq_dif.pdbx_pdb_ins_code 
_struct_ref_seq_dif.pdbx_seq_db_name 
_struct_ref_seq_dif.pdbx_seq_db_accession_code 
_struct_ref_seq_dif.db_mon_id 
_struct_ref_seq_dif.pdbx_seq_db_seq_num 
_struct_ref_seq_dif.details 
_struct_ref_seq_dif.pdbx_auth_seq_num 
_struct_ref_seq_dif.pdbx_ordinal 
1 1X8Y GLY A 1 ? UNP P02545 ? ? 'cloning artifact' 302 1 
1 1X8Y SER A 2 ? UNP P02545 ? ? 'cloning artifact' 303 2 
1 1X8Y CYS A 3 ? UNP P02545 ? ? 'cloning artifact' 304 3 
# 
_pdbx_struct_assembly.id                   1 
_pdbx_struct_assembly.details              author_and_software_defined_assembly 
_pdbx_struct_assembly.method_details       PISA,PQS 
_pdbx_struct_assembly.oligomeric_details   dimeric 
_pdbx_struct_assembly.oligomeric_count     2 
# 
loop_
_pdbx_struct_assembly_prop.biol_id 
_pdbx_struct_assembly_prop.type 
_pdbx_struct_assembly_prop.value 
_pdbx_struct_assembly_prop.details 
1 'ABSA (A^2)' 3560  ? 
1 MORE         -42   ? 
1 'SSA (A^2)'  11110 ? 
# 
_pdbx_struct_assembly_gen.assembly_id       1 
_pdbx_struct_assembly_gen.oper_expression   1,2 
_pdbx_struct_assembly_gen.asym_id_list      A,B 
# 
loop_
_pdbx_struct_oper_list.id 
_pdbx_struct_oper_list.type 
_pdbx_struct_oper_list.name 
_pdbx_struct_oper_list.symmetry_operation 
_pdbx_struct_oper_list.matrix[1][1] 
_pdbx_struct_oper_list.matrix[1][2] 
_pdbx_struct_oper_list.matrix[1][3] 
_pdbx_struct_oper_list.vector[1] 
_pdbx_struct_oper_list.matrix[2][1] 
_pdbx_struct_oper_list.matrix[2][2] 
_pdbx_struct_oper_list.matrix[2][3] 
_pdbx_struct_oper_list.vector[2] 
_pdbx_struct_oper_list.matrix[3][1] 
_pdbx_struct_oper_list.matrix[3][2] 
_pdbx_struct_oper_list.matrix[3][3] 
_pdbx_struct_oper_list.vector[3] 
1 'identity operation'         1_555  x,y,z         1.0000000000  0.0000000000  0.0000000000 0.0000000000  0.0000000000  1.0000000000 0.0000000000  0.0000000000  0.0000000000 0.0000000000  1.0000000000  0.0000000000 
2 'crystal symmetry operation' 11_555 -x+y,y,-z+1/2 -0.8912230161 -0.4528896202 0.0247492938 -1.5404436754 -0.4528896202 0.8855919761 -0.1030429219 -0.1315482438 0.0247492938 -0.1030429219 -0.9943689600 4.3632753212 
# 
_struct_biol.id                    1 
_struct_biol.details               'The biological dimer is generated by the two-fold crystallographic axis' 
_struct_biol.pdbx_parent_biol_id   ? 
# 
_struct_conf.conf_type_id            HELX_P 
_struct_conf.id                      HELX_P1 
_struct_conf.pdbx_PDB_helix_id       1 
_struct_conf.beg_label_comp_id       ALA 
_struct_conf.beg_label_asym_id       A 
_struct_conf.beg_label_seq_id        14 
_struct_conf.pdbx_beg_PDB_ins_code   ? 
_struct_conf.end_label_comp_id       GLU 
_struct_conf.end_label_asym_id       A 
_struct_conf.end_label_seq_id        84 
_struct_conf.pdbx_end_PDB_ins_code   ? 
_struct_conf.beg_auth_comp_id        ALA 
_struct_conf.beg_auth_asym_id        A 
_struct_conf.beg_auth_seq_id         315 
_struct_conf.end_auth_comp_id        GLU 
_struct_conf.end_auth_asym_id        A 
_struct_conf.end_auth_seq_id         385 
_struct_conf.pdbx_PDB_helix_class    1 
_struct_conf.details                 ? 
_struct_conf.pdbx_PDB_helix_length   71 
# 
_struct_conf_type.id          HELX_P 
_struct_conf_type.criteria    ? 
_struct_conf_type.reference   ? 
# 
loop_
_pdbx_refine_tls.id 
_pdbx_refine_tls.details 
_pdbx_refine_tls.method 
_pdbx_refine_tls.origin_x 
_pdbx_refine_tls.origin_y 
_pdbx_refine_tls.origin_z 
_pdbx_refine_tls.T[1][1] 
_pdbx_refine_tls.T[2][2] 
_pdbx_refine_tls.T[3][3] 
_pdbx_refine_tls.T[1][2] 
_pdbx_refine_tls.T[1][3] 
_pdbx_refine_tls.T[2][3] 
_pdbx_refine_tls.L[1][1] 
_pdbx_refine_tls.L[2][2] 
_pdbx_refine_tls.L[3][3] 
_pdbx_refine_tls.L[1][2] 
_pdbx_refine_tls.L[1][3] 
_pdbx_refine_tls.L[2][3] 
_pdbx_refine_tls.S[1][1] 
_pdbx_refine_tls.S[1][2] 
_pdbx_refine_tls.S[1][3] 
_pdbx_refine_tls.S[2][1] 
_pdbx_refine_tls.S[2][2] 
_pdbx_refine_tls.S[2][3] 
_pdbx_refine_tls.S[3][1] 
_pdbx_refine_tls.S[3][2] 
_pdbx_refine_tls.S[3][3] 
_pdbx_refine_tls.pdbx_refine_id 
1 ? refined -7.6457 47.6358 0.8857 0.1226 0.1216 0.1228 0.0009 -0.0002 0.0000  60.9062 173.1443 40.9075 -62.8172 18.5702 -6.8302 -0.0812 -0.3818 -1.8559 -0.1659 -0.3398 -0.8351 1.2091  0.6171 0.4209  'X-RAY DIFFRACTION' 
2 ? refined 1.2123  -7.1732 0.1948 0.1517 0.0979 0.0595 0.0424 0.0147  -0.0139 1.0181  40.5967  0.6008  -4.5459  0.5132  -3.3211 -0.0522 0.0392  0.0335  0.3238  0.0831  0.2486  -0.0683 0.0355 -0.0310 'X-RAY DIFFRACTION' 
# 
loop_
_pdbx_refine_tls_group.id 
_pdbx_refine_tls_group.refine_tls_id 
_pdbx_refine_tls_group.beg_label_asym_id 
_pdbx_refine_tls_group.beg_label_seq_id 
_pdbx_refine_tls_group.beg_auth_seq_id 
_pdbx_refine_tls_group.end_label_asym_id 
_pdbx_refine_tls_group.end_label_seq_id 
_pdbx_refine_tls_group.end_auth_seq_id 
_pdbx_refine_tls_group.selection 
_pdbx_refine_tls_group.beg_auth_asym_id 
_pdbx_refine_tls_group.end_auth_asym_id 
_pdbx_refine_tls_group.pdbx_refine_id 
_pdbx_refine_tls_group.selection_details 
1 1 A 12 313 A 20 321 ? A A 'X-RAY DIFFRACTION' ? 
2 2 A 21 322 A 85 386 ? A A 'X-RAY DIFFRACTION' ? 
# 
loop_
_pdbx_unobs_or_zero_occ_residues.id 
_pdbx_unobs_or_zero_occ_residues.PDB_model_num 
_pdbx_unobs_or_zero_occ_residues.polymer_flag 
_pdbx_unobs_or_zero_occ_residues.occupancy_flag 
_pdbx_unobs_or_zero_occ_residues.auth_asym_id 
_pdbx_unobs_or_zero_occ_residues.auth_comp_id 
_pdbx_unobs_or_zero_occ_residues.auth_seq_id 
_pdbx_unobs_or_zero_occ_residues.PDB_ins_code 
_pdbx_unobs_or_zero_occ_residues.label_asym_id 
_pdbx_unobs_or_zero_occ_residues.label_comp_id 
_pdbx_unobs_or_zero_occ_residues.label_seq_id 
1  1 Y 1 A GLY 302 ? A GLY 1  
2  1 Y 1 A SER 303 ? A SER 2  
3  1 Y 1 A CYS 304 ? A CYS 3  
4  1 Y 1 A GLN 305 ? A GLN 4  
5  1 Y 1 A LEU 306 ? A LEU 5  
6  1 Y 1 A SER 307 ? A SER 6  
7  1 Y 1 A GLN 308 ? A GLN 7  
8  1 Y 1 A LEU 309 ? A LEU 8  
9  1 Y 1 A GLN 310 ? A GLN 9  
10 1 Y 1 A CYS 311 ? A CYS 10 
11 1 Y 1 A GLN 312 ? A GLN 11 
12 1 Y 1 A LEU 387 ? A LEU 86 
# 
loop_
_chem_comp_atom.comp_id 
_chem_comp_atom.atom_id 
_chem_comp_atom.type_symbol 
_chem_comp_atom.pdbx_aromatic_flag 
_chem_comp_atom.pdbx_stereo_config 
_chem_comp_atom.pdbx_ordinal 
ALA N    N N N 1   
ALA CA   C N S 2   
ALA C    C N N 3   
ALA O    O N N 4   
ALA CB   C N N 5   
ALA OXT  O N N 6   
ALA H    H N N 7   
ALA H2   H N N 8   
ALA HA   H N N 9   
ALA HB1  H N N 10  
ALA HB2  H N N 11  
ALA HB3  H N N 12  
ALA HXT  H N N 13  
ARG N    N N N 14  
ARG CA   C N S 15  
ARG C    C N N 16  
ARG O    O N N 17  
ARG CB   C N N 18  
ARG CG   C N N 19  
ARG CD   C N N 20  
ARG NE   N N N 21  
ARG CZ   C N N 22  
ARG NH1  N N N 23  
ARG NH2  N N N 24  
ARG OXT  O N N 25  
ARG H    H N N 26  
ARG H2   H N N 27  
ARG HA   H N N 28  
ARG HB2  H N N 29  
ARG HB3  H N N 30  
ARG HG2  H N N 31  
ARG HG3  H N N 32  
ARG HD2  H N N 33  
ARG HD3  H N N 34  
ARG HE   H N N 35  
ARG HH11 H N N 36  
ARG HH12 H N N 37  
ARG HH21 H N N 38  
ARG HH22 H N N 39  
ARG HXT  H N N 40  
ASP N    N N N 41  
ASP CA   C N S 42  
ASP C    C N N 43  
ASP O    O N N 44  
ASP CB   C N N 45  
ASP CG   C N N 46  
ASP OD1  O N N 47  
ASP OD2  O N N 48  
ASP OXT  O N N 49  
ASP H    H N N 50  
ASP H2   H N N 51  
ASP HA   H N N 52  
ASP HB2  H N N 53  
ASP HB3  H N N 54  
ASP HD2  H N N 55  
ASP HXT  H N N 56  
CYS N    N N N 57  
CYS CA   C N R 58  
CYS C    C N N 59  
CYS O    O N N 60  
CYS CB   C N N 61  
CYS SG   S N N 62  
CYS OXT  O N N 63  
CYS H    H N N 64  
CYS H2   H N N 65  
CYS HA   H N N 66  
CYS HB2  H N N 67  
CYS HB3  H N N 68  
CYS HG   H N N 69  
CYS HXT  H N N 70  
GLN N    N N N 71  
GLN CA   C N S 72  
GLN C    C N N 73  
GLN O    O N N 74  
GLN CB   C N N 75  
GLN CG   C N N 76  
GLN CD   C N N 77  
GLN OE1  O N N 78  
GLN NE2  N N N 79  
GLN OXT  O N N 80  
GLN H    H N N 81  
GLN H2   H N N 82  
GLN HA   H N N 83  
GLN HB2  H N N 84  
GLN HB3  H N N 85  
GLN HG2  H N N 86  
GLN HG3  H N N 87  
GLN HE21 H N N 88  
GLN HE22 H N N 89  
GLN HXT  H N N 90  
GLU N    N N N 91  
GLU CA   C N S 92  
GLU C    C N N 93  
GLU O    O N N 94  
GLU CB   C N N 95  
GLU CG   C N N 96  
GLU CD   C N N 97  
GLU OE1  O N N 98  
GLU OE2  O N N 99  
GLU OXT  O N N 100 
GLU H    H N N 101 
GLU H2   H N N 102 
GLU HA   H N N 103 
GLU HB2  H N N 104 
GLU HB3  H N N 105 
GLU HG2  H N N 106 
GLU HG3  H N N 107 
GLU HE2  H N N 108 
GLU HXT  H N N 109 
GLY N    N N N 110 
GLY CA   C N N 111 
GLY C    C N N 112 
GLY O    O N N 113 
GLY OXT  O N N 114 
GLY H    H N N 115 
GLY H2   H N N 116 
GLY HA2  H N N 117 
GLY HA3  H N N 118 
GLY HXT  H N N 119 
HIS N    N N N 120 
HIS CA   C N S 121 
HIS C    C N N 122 
HIS O    O N N 123 
HIS CB   C N N 124 
HIS CG   C Y N 125 
HIS ND1  N Y N 126 
HIS CD2  C Y N 127 
HIS CE1  C Y N 128 
HIS NE2  N Y N 129 
HIS OXT  O N N 130 
HIS H    H N N 131 
HIS H2   H N N 132 
HIS HA   H N N 133 
HIS HB2  H N N 134 
HIS HB3  H N N 135 
HIS HD1  H N N 136 
HIS HD2  H N N 137 
HIS HE1  H N N 138 
HIS HE2  H N N 139 
HIS HXT  H N N 140 
HOH O    O N N 141 
HOH H1   H N N 142 
HOH H2   H N N 143 
ILE N    N N N 144 
ILE CA   C N S 145 
ILE C    C N N 146 
ILE O    O N N 147 
ILE CB   C N S 148 
ILE CG1  C N N 149 
ILE CG2  C N N 150 
ILE CD1  C N N 151 
ILE OXT  O N N 152 
ILE H    H N N 153 
ILE H2   H N N 154 
ILE HA   H N N 155 
ILE HB   H N N 156 
ILE HG12 H N N 157 
ILE HG13 H N N 158 
ILE HG21 H N N 159 
ILE HG22 H N N 160 
ILE HG23 H N N 161 
ILE HD11 H N N 162 
ILE HD12 H N N 163 
ILE HD13 H N N 164 
ILE HXT  H N N 165 
LEU N    N N N 166 
LEU CA   C N S 167 
LEU C    C N N 168 
LEU O    O N N 169 
LEU CB   C N N 170 
LEU CG   C N N 171 
LEU CD1  C N N 172 
LEU CD2  C N N 173 
LEU OXT  O N N 174 
LEU H    H N N 175 
LEU H2   H N N 176 
LEU HA   H N N 177 
LEU HB2  H N N 178 
LEU HB3  H N N 179 
LEU HG   H N N 180 
LEU HD11 H N N 181 
LEU HD12 H N N 182 
LEU HD13 H N N 183 
LEU HD21 H N N 184 
LEU HD22 H N N 185 
LEU HD23 H N N 186 
LEU HXT  H N N 187 
LYS N    N N N 188 
LYS CA   C N S 189 
LYS C    C N N 190 
LYS O    O N N 191 
LYS CB   C N N 192 
LYS CG   C N N 193 
LYS CD   C N N 194 
LYS CE   C N N 195 
LYS NZ   N N N 196 
LYS OXT  O N N 197 
LYS H    H N N 198 
LYS H2   H N N 199 
LYS HA   H N N 200 
LYS HB2  H N N 201 
LYS HB3  H N N 202 
LYS HG2  H N N 203 
LYS HG3  H N N 204 
LYS HD2  H N N 205 
LYS HD3  H N N 206 
LYS HE2  H N N 207 
LYS HE3  H N N 208 
LYS HZ1  H N N 209 
LYS HZ2  H N N 210 
LYS HZ3  H N N 211 
LYS HXT  H N N 212 
MET N    N N N 213 
MET CA   C N S 214 
MET C    C N N 215 
MET O    O N N 216 
MET CB   C N N 217 
MET CG   C N N 218 
MET SD   S N N 219 
MET CE   C N N 220 
MET OXT  O N N 221 
MET H    H N N 222 
MET H2   H N N 223 
MET HA   H N N 224 
MET HB2  H N N 225 
MET HB3  H N N 226 
MET HG2  H N N 227 
MET HG3  H N N 228 
MET HE1  H N N 229 
MET HE2  H N N 230 
MET HE3  H N N 231 
MET HXT  H N N 232 
SER N    N N N 233 
SER CA   C N S 234 
SER C    C N N 235 
SER O    O N N 236 
SER CB   C N N 237 
SER OG   O N N 238 
SER OXT  O N N 239 
SER H    H N N 240 
SER H2   H N N 241 
SER HA   H N N 242 
SER HB2  H N N 243 
SER HB3  H N N 244 
SER HG   H N N 245 
SER HXT  H N N 246 
THR N    N N N 247 
THR CA   C N S 248 
THR C    C N N 249 
THR O    O N N 250 
THR CB   C N R 251 
THR OG1  O N N 252 
THR CG2  C N N 253 
THR OXT  O N N 254 
THR H    H N N 255 
THR H2   H N N 256 
THR HA   H N N 257 
THR HB   H N N 258 
THR HG1  H N N 259 
THR HG21 H N N 260 
THR HG22 H N N 261 
THR HG23 H N N 262 
THR HXT  H N N 263 
TYR N    N N N 264 
TYR CA   C N S 265 
TYR C    C N N 266 
TYR O    O N N 267 
TYR CB   C N N 268 
TYR CG   C Y N 269 
TYR CD1  C Y N 270 
TYR CD2  C Y N 271 
TYR CE1  C Y N 272 
TYR CE2  C Y N 273 
TYR CZ   C Y N 274 
TYR OH   O N N 275 
TYR OXT  O N N 276 
TYR H    H N N 277 
TYR H2   H N N 278 
TYR HA   H N N 279 
TYR HB2  H N N 280 
TYR HB3  H N N 281 
TYR HD1  H N N 282 
TYR HD2  H N N 283 
TYR HE1  H N N 284 
TYR HE2  H N N 285 
TYR HH   H N N 286 
TYR HXT  H N N 287 
# 
loop_
_chem_comp_bond.comp_id 
_chem_comp_bond.atom_id_1 
_chem_comp_bond.atom_id_2 
_chem_comp_bond.value_order 
_chem_comp_bond.pdbx_aromatic_flag 
_chem_comp_bond.pdbx_stereo_config 
_chem_comp_bond.pdbx_ordinal 
ALA N   CA   sing N N 1   
ALA N   H    sing N N 2   
ALA N   H2   sing N N 3   
ALA CA  C    sing N N 4   
ALA CA  CB   sing N N 5   
ALA CA  HA   sing N N 6   
ALA C   O    doub N N 7   
ALA C   OXT  sing N N 8   
ALA CB  HB1  sing N N 9   
ALA CB  HB2  sing N N 10  
ALA CB  HB3  sing N N 11  
ALA OXT HXT  sing N N 12  
ARG N   CA   sing N N 13  
ARG N   H    sing N N 14  
ARG N   H2   sing N N 15  
ARG CA  C    sing N N 16  
ARG CA  CB   sing N N 17  
ARG CA  HA   sing N N 18  
ARG C   O    doub N N 19  
ARG C   OXT  sing N N 20  
ARG CB  CG   sing N N 21  
ARG CB  HB2  sing N N 22  
ARG CB  HB3  sing N N 23  
ARG CG  CD   sing N N 24  
ARG CG  HG2  sing N N 25  
ARG CG  HG3  sing N N 26  
ARG CD  NE   sing N N 27  
ARG CD  HD2  sing N N 28  
ARG CD  HD3  sing N N 29  
ARG NE  CZ   sing N N 30  
ARG NE  HE   sing N N 31  
ARG CZ  NH1  sing N N 32  
ARG CZ  NH2  doub N N 33  
ARG NH1 HH11 sing N N 34  
ARG NH1 HH12 sing N N 35  
ARG NH2 HH21 sing N N 36  
ARG NH2 HH22 sing N N 37  
ARG OXT HXT  sing N N 38  
ASP N   CA   sing N N 39  
ASP N   H    sing N N 40  
ASP N   H2   sing N N 41  
ASP CA  C    sing N N 42  
ASP CA  CB   sing N N 43  
ASP CA  HA   sing N N 44  
ASP C   O    doub N N 45  
ASP C   OXT  sing N N 46  
ASP CB  CG   sing N N 47  
ASP CB  HB2  sing N N 48  
ASP CB  HB3  sing N N 49  
ASP CG  OD1  doub N N 50  
ASP CG  OD2  sing N N 51  
ASP OD2 HD2  sing N N 52  
ASP OXT HXT  sing N N 53  
CYS N   CA   sing N N 54  
CYS N   H    sing N N 55  
CYS N   H2   sing N N 56  
CYS CA  C    sing N N 57  
CYS CA  CB   sing N N 58  
CYS CA  HA   sing N N 59  
CYS C   O    doub N N 60  
CYS C   OXT  sing N N 61  
CYS CB  SG   sing N N 62  
CYS CB  HB2  sing N N 63  
CYS CB  HB3  sing N N 64  
CYS SG  HG   sing N N 65  
CYS OXT HXT  sing N N 66  
GLN N   CA   sing N N 67  
GLN N   H    sing N N 68  
GLN N   H2   sing N N 69  
GLN CA  C    sing N N 70  
GLN CA  CB   sing N N 71  
GLN CA  HA   sing N N 72  
GLN C   O    doub N N 73  
GLN C   OXT  sing N N 74  
GLN CB  CG   sing N N 75  
GLN CB  HB2  sing N N 76  
GLN CB  HB3  sing N N 77  
GLN CG  CD   sing N N 78  
GLN CG  HG2  sing N N 79  
GLN CG  HG3  sing N N 80  
GLN CD  OE1  doub N N 81  
GLN CD  NE2  sing N N 82  
GLN NE2 HE21 sing N N 83  
GLN NE2 HE22 sing N N 84  
GLN OXT HXT  sing N N 85  
GLU N   CA   sing N N 86  
GLU N   H    sing N N 87  
GLU N   H2   sing N N 88  
GLU CA  C    sing N N 89  
GLU CA  CB   sing N N 90  
GLU CA  HA   sing N N 91  
GLU C   O    doub N N 92  
GLU C   OXT  sing N N 93  
GLU CB  CG   sing N N 94  
GLU CB  HB2  sing N N 95  
GLU CB  HB3  sing N N 96  
GLU CG  CD   sing N N 97  
GLU CG  HG2  sing N N 98  
GLU CG  HG3  sing N N 99  
GLU CD  OE1  doub N N 100 
GLU CD  OE2  sing N N 101 
GLU OE2 HE2  sing N N 102 
GLU OXT HXT  sing N N 103 
GLY N   CA   sing N N 104 
GLY N   H    sing N N 105 
GLY N   H2   sing N N 106 
GLY CA  C    sing N N 107 
GLY CA  HA2  sing N N 108 
GLY CA  HA3  sing N N 109 
GLY C   O    doub N N 110 
GLY C   OXT  sing N N 111 
GLY OXT HXT  sing N N 112 
HIS N   CA   sing N N 113 
HIS N   H    sing N N 114 
HIS N   H2   sing N N 115 
HIS CA  C    sing N N 116 
HIS CA  CB   sing N N 117 
HIS CA  HA   sing N N 118 
HIS C   O    doub N N 119 
HIS C   OXT  sing N N 120 
HIS CB  CG   sing N N 121 
HIS CB  HB2  sing N N 122 
HIS CB  HB3  sing N N 123 
HIS CG  ND1  sing Y N 124 
HIS CG  CD2  doub Y N 125 
HIS ND1 CE1  doub Y N 126 
HIS ND1 HD1  sing N N 127 
HIS CD2 NE2  sing Y N 128 
HIS CD2 HD2  sing N N 129 
HIS CE1 NE2  sing Y N 130 
HIS CE1 HE1  sing N N 131 
HIS NE2 HE2  sing N N 132 
HIS OXT HXT  sing N N 133 
HOH O   H1   sing N N 134 
HOH O   H2   sing N N 135 
ILE N   CA   sing N N 136 
ILE N   H    sing N N 137 
ILE N   H2   sing N N 138 
ILE CA  C    sing N N 139 
ILE CA  CB   sing N N 140 
ILE CA  HA   sing N N 141 
ILE C   O    doub N N 142 
ILE C   OXT  sing N N 143 
ILE CB  CG1  sing N N 144 
ILE CB  CG2  sing N N 145 
ILE CB  HB   sing N N 146 
ILE CG1 CD1  sing N N 147 
ILE CG1 HG12 sing N N 148 
ILE CG1 HG13 sing N N 149 
ILE CG2 HG21 sing N N 150 
ILE CG2 HG22 sing N N 151 
ILE CG2 HG23 sing N N 152 
ILE CD1 HD11 sing N N 153 
ILE CD1 HD12 sing N N 154 
ILE CD1 HD13 sing N N 155 
ILE OXT HXT  sing N N 156 
LEU N   CA   sing N N 157 
LEU N   H    sing N N 158 
LEU N   H2   sing N N 159 
LEU CA  C    sing N N 160 
LEU CA  CB   sing N N 161 
LEU CA  HA   sing N N 162 
LEU C   O    doub N N 163 
LEU C   OXT  sing N N 164 
LEU CB  CG   sing N N 165 
LEU CB  HB2  sing N N 166 
LEU CB  HB3  sing N N 167 
LEU CG  CD1  sing N N 168 
LEU CG  CD2  sing N N 169 
LEU CG  HG   sing N N 170 
LEU CD1 HD11 sing N N 171 
LEU CD1 HD12 sing N N 172 
LEU CD1 HD13 sing N N 173 
LEU CD2 HD21 sing N N 174 
LEU CD2 HD22 sing N N 175 
LEU CD2 HD23 sing N N 176 
LEU OXT HXT  sing N N 177 
LYS N   CA   sing N N 178 
LYS N   H    sing N N 179 
LYS N   H2   sing N N 180 
LYS CA  C    sing N N 181 
LYS CA  CB   sing N N 182 
LYS CA  HA   sing N N 183 
LYS C   O    doub N N 184 
LYS C   OXT  sing N N 185 
LYS CB  CG   sing N N 186 
LYS CB  HB2  sing N N 187 
LYS CB  HB3  sing N N 188 
LYS CG  CD   sing N N 189 
LYS CG  HG2  sing N N 190 
LYS CG  HG3  sing N N 191 
LYS CD  CE   sing N N 192 
LYS CD  HD2  sing N N 193 
LYS CD  HD3  sing N N 194 
LYS CE  NZ   sing N N 195 
LYS CE  HE2  sing N N 196 
LYS CE  HE3  sing N N 197 
LYS NZ  HZ1  sing N N 198 
LYS NZ  HZ2  sing N N 199 
LYS NZ  HZ3  sing N N 200 
LYS OXT HXT  sing N N 201 
MET N   CA   sing N N 202 
MET N   H    sing N N 203 
MET N   H2   sing N N 204 
MET CA  C    sing N N 205 
MET CA  CB   sing N N 206 
MET CA  HA   sing N N 207 
MET C   O    doub N N 208 
MET C   OXT  sing N N 209 
MET CB  CG   sing N N 210 
MET CB  HB2  sing N N 211 
MET CB  HB3  sing N N 212 
MET CG  SD   sing N N 213 
MET CG  HG2  sing N N 214 
MET CG  HG3  sing N N 215 
MET SD  CE   sing N N 216 
MET CE  HE1  sing N N 217 
MET CE  HE2  sing N N 218 
MET CE  HE3  sing N N 219 
MET OXT HXT  sing N N 220 
SER N   CA   sing N N 221 
SER N   H    sing N N 222 
SER N   H2   sing N N 223 
SER CA  C    sing N N 224 
SER CA  CB   sing N N 225 
SER CA  HA   sing N N 226 
SER C   O    doub N N 227 
SER C   OXT  sing N N 228 
SER CB  OG   sing N N 229 
SER CB  HB2  sing N N 230 
SER CB  HB3  sing N N 231 
SER OG  HG   sing N N 232 
SER OXT HXT  sing N N 233 
THR N   CA   sing N N 234 
THR N   H    sing N N 235 
THR N   H2   sing N N 236 
THR CA  C    sing N N 237 
THR CA  CB   sing N N 238 
THR CA  HA   sing N N 239 
THR C   O    doub N N 240 
THR C   OXT  sing N N 241 
THR CB  OG1  sing N N 242 
THR CB  CG2  sing N N 243 
THR CB  HB   sing N N 244 
THR OG1 HG1  sing N N 245 
THR CG2 HG21 sing N N 246 
THR CG2 HG22 sing N N 247 
THR CG2 HG23 sing N N 248 
THR OXT HXT  sing N N 249 
TYR N   CA   sing N N 250 
TYR N   H    sing N N 251 
TYR N   H2   sing N N 252 
TYR CA  C    sing N N 253 
TYR CA  CB   sing N N 254 
TYR CA  HA   sing N N 255 
TYR C   O    doub N N 256 
TYR C   OXT  sing N N 257 
TYR CB  CG   sing N N 258 
TYR CB  HB2  sing N N 259 
TYR CB  HB3  sing N N 260 
TYR CG  CD1  doub Y N 261 
TYR CG  CD2  sing Y N 262 
TYR CD1 CE1  sing Y N 263 
TYR CD1 HD1  sing N N 264 
TYR CD2 CE2  doub Y N 265 
TYR CD2 HD2  sing N N 266 
TYR CE1 CZ   doub Y N 267 
TYR CE1 HE1  sing N N 268 
TYR CE2 CZ   sing Y N 269 
TYR CE2 HE2  sing N N 270 
TYR CZ  OH   sing N N 271 
TYR OH  HH   sing N N 272 
TYR OXT HXT  sing N N 273 
# 
_atom_sites.entry_id                    1X8Y 
_atom_sites.fract_transf_matrix[1][1]   0.01224617 
_atom_sites.fract_transf_matrix[1][2]   -0.00381179 
_atom_sites.fract_transf_matrix[1][3]   -0.00167974 
_atom_sites.fract_transf_matrix[2][1]   0.00301662 
_atom_sites.fract_transf_matrix[2][2]   -0.01255959 
_atom_sites.fract_transf_matrix[2][3]   0.00068635 
_atom_sites.fract_transf_matrix[3][1]   -0.00216497 
_atom_sites.fract_transf_matrix[3][2]   -0.00123000 
_atom_sites.fract_transf_matrix[3][3]   -0.01299255 
_atom_sites.fract_transf_vector[1]      0.444239 
_atom_sites.fract_transf_vector[2]      0.862720 
_atom_sites.fract_transf_vector[3]      0.276588 
# 
loop_
_atom_type.symbol 
C 
N 
O 
S 
# 
loop_
_atom_site.group_PDB 
_atom_site.id 
_atom_site.type_symbol 
_atom_site.label_atom_id 
_atom_site.label_alt_id 
_atom_site.label_comp_id 
_atom_site.label_asym_id 
_atom_site.label_entity_id 
_atom_site.label_seq_id 
_atom_site.pdbx_PDB_ins_code 
_atom_site.Cartn_x 
_atom_site.Cartn_y 
_atom_site.Cartn_z 
_atom_site.occupancy 
_atom_site.B_iso_or_equiv 
_atom_site.pdbx_formal_charge 
_atom_site.auth_seq_id 
_atom_site.auth_comp_id 
_atom_site.auth_asym_id 
_atom_site.auth_atom_id 
_atom_site.pdbx_PDB_model_num 
ATOM   1   N N   . LEU A 1 12 ? -12.287 53.323  0.198  1.00 103.77 ? 313 LEU A N   1 
ATOM   2   C CA  . LEU A 1 12 ? -11.212 52.401  -0.285 1.00 103.79 ? 313 LEU A CA  1 
ATOM   3   C C   . LEU A 1 12 ? -9.887  52.598  0.473  1.00 103.77 ? 313 LEU A C   1 
ATOM   4   O O   . LEU A 1 12 ? -8.827  52.153  0.012  1.00 103.83 ? 313 LEU A O   1 
ATOM   5   C CB  . LEU A 1 12 ? -11.005 52.572  -1.795 1.00 103.78 ? 313 LEU A CB  1 
ATOM   6   C CG  . LEU A 1 12 ? -12.197 52.296  -2.511 1.00 103.69 ? 313 LEU A CG  1 
ATOM   7   N N   . ALA A 1 13 ? -9.971  53.250  1.637  1.00 103.58 ? 314 ALA A N   1 
ATOM   8   C CA  . ALA A 1 13 ? -8.813  53.573  2.487  1.00 103.30 ? 314 ALA A CA  1 
ATOM   9   C C   . ALA A 1 13 ? -7.985  52.345  2.896  1.00 103.11 ? 314 ALA A C   1 
ATOM   10  O O   . ALA A 1 13 ? -6.758  52.337  2.746  1.00 103.14 ? 314 ALA A O   1 
ATOM   11  C CB  . ALA A 1 13 ? -9.272  54.342  3.735  1.00 103.25 ? 314 ALA A CB  1 
ATOM   12  N N   . ALA A 1 14 ? -8.663  51.322  3.416  1.00 102.72 ? 315 ALA A N   1 
ATOM   13  C CA  . ALA A 1 14 ? -8.031  50.056  3.796  1.00 102.19 ? 315 ALA A CA  1 
ATOM   14  C C   . ALA A 1 14 ? -8.666  48.871  3.057  1.00 101.75 ? 315 ALA A C   1 
ATOM   15  O O   . ALA A 1 14 ? -8.170  47.744  3.130  1.00 101.65 ? 315 ALA A O   1 
ATOM   16  C CB  . ALA A 1 14 ? -8.125  49.848  5.313  1.00 102.26 ? 315 ALA A CB  1 
ATOM   17  N N   . LYS A 1 15 ? -9.759  49.153  2.343  1.00 101.16 ? 316 LYS A N   1 
ATOM   18  C CA  . LYS A 1 15 ? -10.544 48.152  1.614  1.00 100.44 ? 316 LYS A CA  1 
ATOM   19  C C   . LYS A 1 15 ? -9.817  47.595  0.384  1.00 99.86  ? 316 LYS A C   1 
ATOM   20  O O   . LYS A 1 15 ? -9.834  46.382  0.144  1.00 99.85  ? 316 LYS A O   1 
ATOM   21  C CB  . LYS A 1 15 ? -11.901 48.741  1.213  1.00 100.49 ? 316 LYS A CB  1 
ATOM   22  C CG  . LYS A 1 15 ? -12.950 47.810  1.413  1.00 100.38 ? 316 LYS A CG  1 
ATOM   23  N N   . GLU A 1 16 ? -9.188  48.484  -0.386 1.00 99.02  ? 317 GLU A N   1 
ATOM   24  C CA  . GLU A 1 16 ? -8.343  48.091  -1.520 1.00 98.14  ? 317 GLU A CA  1 
ATOM   25  C C   . GLU A 1 16 ? -6.944  47.640  -1.065 1.00 97.39  ? 317 GLU A C   1 
ATOM   26  O O   . GLU A 1 16 ? -6.133  47.171  -1.875 1.00 97.33  ? 317 GLU A O   1 
ATOM   27  C CB  . GLU A 1 16 ? -8.242  49.233  -2.541 1.00 98.17  ? 317 GLU A CB  1 
ATOM   28  C CG  . GLU A 1 16 ? -8.573  48.785  -3.846 1.00 98.18  ? 317 GLU A CG  1 
ATOM   29  N N   . ALA A 1 17 ? -6.681  47.782  0.235  1.00 96.31  ? 318 ALA A N   1 
ATOM   30  C CA  . ALA A 1 17 ? -5.416  47.377  0.849  1.00 95.11  ? 318 ALA A CA  1 
ATOM   31  C C   . ALA A 1 17 ? -5.509  45.994  1.507  1.00 94.15  ? 318 ALA A C   1 
ATOM   32  O O   . ALA A 1 17 ? -4.562  45.199  1.444  1.00 93.99  ? 318 ALA A O   1 
ATOM   33  C CB  . ALA A 1 17 ? -4.975  48.421  1.879  1.00 95.18  ? 318 ALA A CB  1 
ATOM   34  N N   . LYS A 1 18 ? -6.652  45.724  2.139  1.00 92.84  ? 319 LYS A N   1 
ATOM   35  C CA  . LYS A 1 18 ? -6.907  44.441  2.796  1.00 91.46  ? 319 LYS A CA  1 
ATOM   36  C C   . LYS A 1 18 ? -7.262  43.350  1.792  1.00 90.41  ? 319 LYS A C   1 
ATOM   37  O O   . LYS A 1 18 ? -7.020  42.167  2.048  1.00 90.35  ? 319 LYS A O   1 
ATOM   38  C CB  . LYS A 1 18 ? -8.021  44.574  3.837  1.00 91.55  ? 319 LYS A CB  1 
ATOM   39  C CG  . LYS A 1 18 ? -7.540  44.266  5.132  1.00 91.42  ? 319 LYS A CG  1 
ATOM   40  N N   . LEU A 1 19 ? -7.837  43.755  0.658  1.00 88.94  ? 320 LEU A N   1 
ATOM   41  C CA  . LEU A 1 19 ? -8.131  42.841  -0.446 1.00 87.48  ? 320 LEU A CA  1 
ATOM   42  C C   . LEU A 1 19 ? -6.846  42.245  -1.038 1.00 86.41  ? 320 LEU A C   1 
ATOM   43  O O   . LEU A 1 19 ? -6.852  41.121  -1.552 1.00 86.27  ? 320 LEU A O   1 
ATOM   44  C CB  . LEU A 1 19 ? -8.946  43.549  -1.532 1.00 87.56  ? 320 LEU A CB  1 
ATOM   45  C CG  . LEU A 1 19 ? -10.297 43.115  -1.525 1.00 87.39  ? 320 LEU A CG  1 
ATOM   46  N N   . ARG A 1 20 ? -5.753  43.004  -0.955 1.00 84.93  ? 321 ARG A N   1 
ATOM   47  C CA  . ARG A 1 20 ? -4.429  42.528  -1.357 1.00 83.36  ? 321 ARG A CA  1 
ATOM   48  C C   . ARG A 1 20 ? -3.925  41.432  -0.417 1.00 82.12  ? 321 ARG A C   1 
ATOM   49  O O   . ARG A 1 20 ? -3.427  40.402  -0.871 1.00 81.94  ? 321 ARG A O   1 
ATOM   50  C CB  . ARG A 1 20 ? -3.429  43.690  -1.411 1.00 83.47  ? 321 ARG A CB  1 
ATOM   51  C CG  . ARG A 1 20 ? -2.123  43.234  -1.721 1.00 83.35  ? 321 ARG A CG  1 
ATOM   52  N N   . ASP A 1 21 ? -4.070  41.661  0.889  1.00 80.56  ? 322 ASP A N   1 
ATOM   53  C CA  . ASP A 1 21 ? -3.658  40.700  1.916  1.00 79.05  ? 322 ASP A CA  1 
ATOM   54  C C   . ASP A 1 21 ? -4.534  39.445  1.920  1.00 77.88  ? 322 ASP A C   1 
ATOM   55  O O   . ASP A 1 21 ? -4.121  38.393  2.410  1.00 77.75  ? 322 ASP A O   1 
ATOM   56  C CB  . ASP A 1 21 ? -3.661  41.345  3.310  1.00 79.20  ? 322 ASP A CB  1 
ATOM   57  C CG  . ASP A 1 21 ? -3.648  42.763  3.240  1.00 79.17  ? 322 ASP A CG  1 
ATOM   58  N N   . LEU A 1 22 ? -5.744  39.568  1.377  1.00 76.31  ? 323 LEU A N   1 
ATOM   59  C CA  . LEU A 1 22 ? -6.655  38.437  1.231  1.00 74.73  ? 323 LEU A CA  1 
ATOM   60  C C   . LEU A 1 22 ? -6.197  37.527  0.093  1.00 73.64  ? 323 LEU A C   1 
ATOM   61  O O   . LEU A 1 22 ? -6.072  36.313  0.271  1.00 73.42  ? 323 LEU A O   1 
ATOM   62  C CB  . LEU A 1 22 ? -8.085  38.925  0.979  1.00 74.79  ? 323 LEU A CB  1 
ATOM   63  C CG  . LEU A 1 22 ? -9.019  38.184  1.745  1.00 74.60  ? 323 LEU A CG  1 
ATOM   64  N N   . GLU A 1 23 ? -5.933  38.130  -1.065 1.00 72.10  ? 324 GLU A N   1 
ATOM   65  C CA  . GLU A 1 23 ? -5.510  37.398  -2.256 1.00 70.61  ? 324 GLU A CA  1 
ATOM   66  C C   . GLU A 1 23 ? -4.125  36.764  -2.110 1.00 69.43  ? 324 GLU A C   1 
ATOM   67  O O   . GLU A 1 23 ? -3.848  35.738  -2.734 1.00 69.32  ? 324 GLU A O   1 
ATOM   68  C CB  . GLU A 1 23 ? -5.548  38.313  -3.484 1.00 70.72  ? 324 GLU A CB  1 
ATOM   69  C CG  . GLU A 1 23 ? -6.721  38.082  -4.251 1.00 70.68  ? 324 GLU A CG  1 
ATOM   70  N N   . ASP A 1 24 ? -3.267  37.379  -1.295 1.00 67.78  ? 325 ASP A N   1 
ATOM   71  C CA  . ASP A 1 24 ? -1.943  36.836  -0.986 1.00 66.09  ? 325 ASP A CA  1 
ATOM   72  C C   . ASP A 1 24 ? -2.057  35.535  -0.205 1.00 64.64  ? 325 ASP A C   1 
ATOM   73  O O   . ASP A 1 24 ? -1.398  34.548  -0.537 1.00 64.48  ? 325 ASP A O   1 
ATOM   74  C CB  . ASP A 1 24 ? -1.119  37.832  -0.162 1.00 66.44  ? 325 ASP A CB  1 
ATOM   75  C CG  . ASP A 1 24 ? -0.646  39.033  -0.972 1.00 67.24  ? 325 ASP A CG  1 
ATOM   76  O OD1 . ASP A 1 24 ? -1.006  39.146  -2.166 1.00 68.30  ? 325 ASP A OD1 1 
ATOM   77  O OD2 . ASP A 1 24 ? 0.086   39.927  -0.487 1.00 67.88  ? 325 ASP A OD2 1 
ATOM   78  N N   . SER A 1 25 ? -2.889  35.549  0.834  1.00 62.53  ? 326 SER A N   1 
ATOM   79  C CA  . SER A 1 25 ? -3.041  34.400  1.717  1.00 60.40  ? 326 SER A CA  1 
ATOM   80  C C   . SER A 1 25 ? -3.955  33.325  1.121  1.00 58.84  ? 326 SER A C   1 
ATOM   81  O O   . SER A 1 25 ? -3.867  32.157  1.517  1.00 58.52  ? 326 SER A O   1 
ATOM   82  C CB  . SER A 1 25 ? -3.539  34.833  3.099  1.00 60.57  ? 326 SER A CB  1 
ATOM   83  O OG  . SER A 1 25 ? -4.877  35.296  3.039  1.00 60.85  ? 326 SER A OG  1 
ATOM   84  N N   . LEU A 1 26 ? -4.822  33.715  0.183  1.00 56.53  ? 327 LEU A N   1 
ATOM   85  C CA  . LEU A 1 26 ? -5.643  32.748  -0.543 1.00 54.51  ? 327 LEU A CA  1 
ATOM   86  C C   . LEU A 1 26 ? -4.779  31.996  -1.552 1.00 53.13  ? 327 LEU A C   1 
ATOM   87  O O   . LEU A 1 26 ? -4.914  30.781  -1.711 1.00 52.51  ? 327 LEU A O   1 
ATOM   88  C CB  . LEU A 1 26 ? -6.840  33.409  -1.228 1.00 54.45  ? 327 LEU A CB  1 
ATOM   89  C CG  . LEU A 1 26 ? -7.693  32.563  -2.183 1.00 54.41  ? 327 LEU A CG  1 
ATOM   90  C CD1 . LEU A 1 26 ? -8.662  31.657  -1.447 1.00 54.28  ? 327 LEU A CD1 1 
ATOM   91  C CD2 . LEU A 1 26 ? -8.455  33.457  -3.140 1.00 55.40  ? 327 LEU A CD2 1 
ATOM   92  N N   . ALA A 1 27 ? -3.891  32.729  -2.219 1.00 51.23  ? 328 ALA A N   1 
ATOM   93  C CA  . ALA A 1 27 ? -2.897  32.132  -3.101 1.00 49.43  ? 328 ALA A CA  1 
ATOM   94  C C   . ALA A 1 27 ? -1.953  31.227  -2.321 1.00 47.98  ? 328 ALA A C   1 
ATOM   95  O O   . ALA A 1 27 ? -1.517  30.197  -2.831 1.00 47.79  ? 328 ALA A O   1 
ATOM   96  C CB  . ALA A 1 27 ? -2.109  33.211  -3.824 1.00 49.71  ? 328 ALA A CB  1 
ATOM   97  N N   . ARG A 1 28 ? -1.640  31.616  -1.086 1.00 46.10  ? 329 ARG A N   1 
ATOM   98  C CA  . ARG A 1 28 ? -0.712  30.853  -0.253 1.00 44.78  ? 329 ARG A CA  1 
ATOM   99  C C   . ARG A 1 28 ? -1.331  29.557  0.291  1.00 43.22  ? 329 ARG A C   1 
ATOM   100 O O   . ARG A 1 28 ? -0.652  28.543  0.362  1.00 42.81  ? 329 ARG A O   1 
ATOM   101 C CB  . ARG A 1 28 ? -0.167  31.710  0.894  1.00 45.00  ? 329 ARG A CB  1 
ATOM   102 C CG  . ARG A 1 28 ? 0.914   31.027  1.734  1.00 45.56  ? 329 ARG A CG  1 
ATOM   103 C CD  . ARG A 1 28 ? 1.928   31.990  2.335  1.00 47.31  ? 329 ARG A CD  1 
ATOM   104 N NE  . ARG A 1 28 ? 2.082   31.805  3.780  1.00 48.05  ? 329 ARG A NE  1 
ATOM   105 C CZ  . ARG A 1 28 ? 2.448   32.761  4.633  1.00 48.24  ? 329 ARG A CZ  1 
ATOM   106 N NH1 . ARG A 1 28 ? 2.704   33.989  4.193  1.00 48.39  ? 329 ARG A NH1 1 
ATOM   107 N NH2 . ARG A 1 28 ? 2.558   32.493  5.930  1.00 47.66  ? 329 ARG A NH2 1 
ATOM   108 N N   . GLU A 1 29 ? -2.608  29.620  0.669  1.00 41.75  ? 330 GLU A N   1 
ATOM   109 C CA  . GLU A 1 29 ? -3.353  28.467  1.156  1.00 41.26  ? 330 GLU A CA  1 
ATOM   110 C C   . GLU A 1 29 ? -3.530  27.435  0.043  1.00 40.12  ? 330 GLU A C   1 
ATOM   111 O O   . GLU A 1 29 ? -3.284  26.236  0.251  1.00 39.45  ? 330 GLU A O   1 
ATOM   112 C CB  . GLU A 1 29 ? -4.717  28.886  1.710  1.00 41.54  ? 330 GLU A CB  1 
ATOM   113 C CG  . GLU A 1 29 ? -5.080  28.184  3.019  1.00 44.28  ? 330 GLU A CG  1 
ATOM   114 C CD  . GLU A 1 29 ? -5.154  29.140  4.209  1.00 46.52  ? 330 GLU A CD  1 
ATOM   115 O OE1 . GLU A 1 29 ? -5.910  28.850  5.166  1.00 47.61  ? 330 GLU A OE1 1 
ATOM   116 O OE2 . GLU A 1 29 ? -4.458  30.181  4.198  1.00 47.73  ? 330 GLU A OE2 1 
ATOM   117 N N   . ARG A 1 30 ? -3.933  27.928  -1.134 1.00 38.20  ? 331 ARG A N   1 
ATOM   118 C CA  . ARG A 1 30 ? -4.038  27.127  -2.345 1.00 37.12  ? 331 ARG A CA  1 
ATOM   119 C C   . ARG A 1 30 ? -2.747  26.384  -2.619 1.00 35.83  ? 331 ARG A C   1 
ATOM   120 O O   . ARG A 1 30 ? -2.761  25.172  -2.773 1.00 34.74  ? 331 ARG A O   1 
ATOM   121 C CB  . ARG A 1 30 ? -4.365  28.009  -3.541 1.00 37.15  ? 331 ARG A CB  1 
ATOM   122 C CG  . ARG A 1 30 ? -5.828  28.176  -3.753 1.00 38.49  ? 331 ARG A CG  1 
ATOM   123 C CD  . ARG A 1 30 ? -6.194  29.427  -4.528 1.00 40.40  ? 331 ARG A CD  1 
ATOM   124 N NE  . ARG A 1 30 ? -7.558  29.304  -5.034 1.00 41.84  ? 331 ARG A NE  1 
ATOM   125 C CZ  . ARG A 1 30 ? -8.236  30.275  -5.625 1.00 42.55  ? 331 ARG A CZ  1 
ATOM   126 N NH1 . ARG A 1 30 ? -7.681  31.467  -5.801 1.00 42.22  ? 331 ARG A NH1 1 
ATOM   127 N NH2 . ARG A 1 30 ? -9.474  30.045  -6.042 1.00 42.60  ? 331 ARG A NH2 1 
ATOM   128 N N   . ASP A 1 31 ? -1.637  27.122  -2.659 1.00 34.64  ? 332 ASP A N   1 
ATOM   129 C CA  . ASP A 1 31 ? -0.325  26.525  -2.878 1.00 34.13  ? 332 ASP A CA  1 
ATOM   130 C C   . ASP A 1 31 ? 0.043   25.475  -1.818 1.00 32.75  ? 332 ASP A C   1 
ATOM   131 O O   . ASP A 1 31 ? 0.555   24.404  -2.147 1.00 33.24  ? 332 ASP A O   1 
ATOM   132 C CB  . ASP A 1 31 ? 0.759   27.609  -2.942 1.00 34.89  ? 332 ASP A CB  1 
ATOM   133 C CG  . ASP A 1 31 ? 2.136   27.034  -3.234 1.00 37.31  ? 332 ASP A CG  1 
ATOM   134 O OD1 . ASP A 1 31 ? 2.288   26.358  -4.286 1.00 40.60  ? 332 ASP A OD1 1 
ATOM   135 O OD2 . ASP A 1 31 ? 3.119   27.174  -2.466 1.00 39.95  ? 332 ASP A OD2 1 
ATOM   136 N N   . THR A 1 32 ? -0.212  25.779  -0.549 1.00 31.25  ? 333 THR A N   1 
ATOM   137 C CA  . THR A 1 32 ? 0.178   24.868  0.526  1.00 29.75  ? 333 THR A CA  1 
ATOM   138 C C   . THR A 1 32 ? -0.645  23.575  0.450  1.00 28.68  ? 333 THR A C   1 
ATOM   139 O O   . THR A 1 32 ? -0.080  22.473  0.493  1.00 28.11  ? 333 THR A O   1 
ATOM   140 C CB  . THR A 1 32 ? 0.075   25.566  1.918  1.00 29.62  ? 333 THR A CB  1 
ATOM   141 O OG1 . THR A 1 32 ? 1.170   26.487  2.075  1.00 30.45  ? 333 THR A OG1 1 
ATOM   142 C CG2 . THR A 1 32 ? 0.295   24.575  3.060  1.00 28.84  ? 333 THR A CG2 1 
ATOM   143 N N   . SER A 1 33 ? -1.962  23.716  0.301  1.00 27.72  ? 334 SER A N   1 
ATOM   144 C CA  . SER A 1 33 ? -2.852  22.552  0.312  1.00 27.94  ? 334 SER A CA  1 
ATOM   145 C C   . SER A 1 33 ? -2.685  21.669  -0.917 1.00 27.18  ? 334 SER A C   1 
ATOM   146 O O   . SER A 1 33 ? -2.729  20.462  -0.805 1.00 27.50  ? 334 SER A O   1 
ATOM   147 C CB  . SER A 1 33 ? -4.312  22.959  0.518  1.00 27.60  ? 334 SER A CB  1 
ATOM   148 O OG  . SER A 1 33 ? -4.796  23.610  -0.619 1.00 30.93  ? 334 SER A OG  1 
ATOM   149 N N   . ARG A 1 34 ? -2.425  22.267  -2.074 1.00 27.13  ? 335 ARG A N   1 
ATOM   150 C CA  . ARG A 1 34 ? -2.194  21.493  -3.299 1.00 27.19  ? 335 ARG A CA  1 
ATOM   151 C C   . ARG A 1 34 ? -0.850  20.744  -3.310 1.00 26.66  ? 335 ARG A C   1 
ATOM   152 O O   . ARG A 1 34 ? -0.762  19.611  -3.804 1.00 26.12  ? 335 ARG A O   1 
ATOM   153 C CB  . ARG A 1 34 ? -2.334  22.378  -4.532 1.00 27.54  ? 335 ARG A CB  1 
ATOM   154 C CG  . ARG A 1 34 ? -3.741  22.985  -4.718 1.00 28.78  ? 335 ARG A CG  1 
ATOM   155 C CD  . ARG A 1 34 ? -3.783  24.041  -5.824 1.00 32.57  ? 335 ARG A CD  1 
ATOM   156 N NE  . ARG A 1 34 ? -5.089  24.689  -5.947 1.00 34.67  ? 335 ARG A NE  1 
ATOM   157 C CZ  . ARG A 1 34 ? -5.343  25.735  -6.736 1.00 36.16  ? 335 ARG A CZ  1 
ATOM   158 N NH1 . ARG A 1 34 ? -4.383  26.271  -7.486 1.00 37.13  ? 335 ARG A NH1 1 
ATOM   159 N NH2 . ARG A 1 34 ? -6.562  26.253  -6.772 1.00 35.78  ? 335 ARG A NH2 1 
ATOM   160 N N   . ARG A 1 35 ? 0.188   21.362  -2.751 1.00 26.13  ? 336 ARG A N   1 
ATOM   161 C CA  . ARG A 1 35 ? 1.477   20.685  -2.633 1.00 25.95  ? 336 ARG A CA  1 
ATOM   162 C C   . ARG A 1 35 ? 1.402   19.557  -1.609 1.00 24.73  ? 336 ARG A C   1 
ATOM   163 O O   . ARG A 1 35 ? 1.936   18.489  -1.835 1.00 24.43  ? 336 ARG A O   1 
ATOM   164 C CB  . ARG A 1 35 ? 2.592   21.665  -2.277 1.00 26.30  ? 336 ARG A CB  1 
ATOM   165 C CG  . ARG A 1 35 ? 2.910   22.654  -3.406 1.00 30.15  ? 336 ARG A CG  1 
ATOM   166 C CD  . ARG A 1 35 ? 4.253   23.371  -3.282 1.00 34.65  ? 336 ARG A CD  1 
ATOM   167 N NE  . ARG A 1 35 ? 4.282   24.282  -2.139 1.00 38.25  ? 336 ARG A NE  1 
ATOM   168 C CZ  . ARG A 1 35 ? 4.766   23.971  -0.932 1.00 39.80  ? 336 ARG A CZ  1 
ATOM   169 N NH1 . ARG A 1 35 ? 5.277   22.761  -0.689 1.00 39.12  ? 336 ARG A NH1 1 
ATOM   170 N NH2 . ARG A 1 35 ? 4.738   24.884  0.037  1.00 40.56  ? 336 ARG A NH2 1 
ATOM   171 N N   . LEU A 1 36 ? 0.723   19.808  -0.492 1.00 24.42  ? 337 LEU A N   1 
ATOM   172 C CA  . LEU A 1 36 ? 0.498   18.790  0.531  1.00 23.68  ? 337 LEU A CA  1 
ATOM   173 C C   . LEU A 1 36 ? -0.327  17.621  -0.034 1.00 23.95  ? 337 LEU A C   1 
ATOM   174 O O   . LEU A 1 36 ? 0.086   16.449  0.052  1.00 22.91  ? 337 LEU A O   1 
ATOM   175 C CB  . LEU A 1 36 ? -0.160  19.414  1.782  1.00 23.36  ? 337 LEU A CB  1 
ATOM   176 C CG  . LEU A 1 36 ? -0.420  18.444  2.941  1.00 21.71  ? 337 LEU A CG  1 
ATOM   177 C CD1 . LEU A 1 36 ? 0.855   17.752  3.397  1.00 17.96  ? 337 LEU A CD1 1 
ATOM   178 C CD2 . LEU A 1 36 ? -1.104  19.181  4.079  1.00 19.52  ? 337 LEU A CD2 1 
ATOM   179 N N   . LEU A 1 37 ? -1.465  17.940  -0.646 1.00 24.40  ? 338 LEU A N   1 
ATOM   180 C CA  . LEU A 1 37 ? -2.261  16.913  -1.331 1.00 25.60  ? 338 LEU A CA  1 
ATOM   181 C C   . LEU A 1 37 ? -1.448  16.083  -2.329 1.00 25.43  ? 338 LEU A C   1 
ATOM   182 O O   . LEU A 1 37 ? -1.594  14.856  -2.390 1.00 25.81  ? 338 LEU A O   1 
ATOM   183 C CB  . LEU A 1 37 ? -3.410  17.552  -2.070 1.00 25.97  ? 338 LEU A CB  1 
ATOM   184 C CG  . LEU A 1 37 ? -4.802  17.052  -1.757 1.00 30.17  ? 338 LEU A CG  1 
ATOM   185 C CD1 . LEU A 1 37 ? -4.892  15.508  -1.648 1.00 32.03  ? 338 LEU A CD1 1 
ATOM   186 C CD2 . LEU A 1 37 ? -5.203  17.745  -0.482 1.00 32.64  ? 338 LEU A CD2 1 
ATOM   187 N N   . ALA A 1 38 ? -0.624  16.764  -3.129 1.00 25.05  ? 339 ALA A N   1 
ATOM   188 C CA  . ALA A 1 38 ? 0.248   16.089  -4.076 1.00 25.04  ? 339 ALA A CA  1 
ATOM   189 C C   . ALA A 1 38 ? 1.119   15.066  -3.348 1.00 25.29  ? 339 ALA A C   1 
ATOM   190 O O   . ALA A 1 38 ? 1.149   13.893  -3.734 1.00 25.73  ? 339 ALA A O   1 
ATOM   191 C CB  . ALA A 1 38 ? 1.075   17.102  -4.867 1.00 24.48  ? 339 ALA A CB  1 
ATOM   192 N N   . GLU A 1 39 ? 1.778   15.475  -2.264 1.00 25.90  ? 340 GLU A N   1 
ATOM   193 C CA  . GLU A 1 39 ? 2.544   14.513  -1.443 1.00 26.49  ? 340 GLU A CA  1 
ATOM   194 C C   . GLU A 1 39 ? 1.720   13.313  -0.927 1.00 26.71  ? 340 GLU A C   1 
ATOM   195 O O   . GLU A 1 39 ? 2.204   12.158  -0.932 1.00 26.39  ? 340 GLU A O   1 
ATOM   196 C CB  . GLU A 1 39 ? 3.198   15.217  -0.256 1.00 26.83  ? 340 GLU A CB  1 
ATOM   197 C CG  . GLU A 1 39 ? 4.367   16.108  -0.626 1.00 29.97  ? 340 GLU A CG  1 
ATOM   198 C CD  . GLU A 1 39 ? 4.993   16.754  0.599  1.00 36.46  ? 340 GLU A CD  1 
ATOM   199 O OE1 . GLU A 1 39 ? 5.310   16.013  1.565  1.00 38.87  ? 340 GLU A OE1 1 
ATOM   200 O OE2 . GLU A 1 39 ? 5.166   18.007  0.605  1.00 38.98  ? 340 GLU A OE2 1 
ATOM   201 N N   . LYS A 1 40 ? 0.493   13.580  -0.464 1.00 26.80  ? 341 LYS A N   1 
ATOM   202 C CA  . LYS A 1 40 ? -0.358  12.523  0.079  1.00 27.00  ? 341 LYS A CA  1 
ATOM   203 C C   . LYS A 1 40 ? -0.688  11.504  -1.001 1.00 27.27  ? 341 LYS A C   1 
ATOM   204 O O   . LYS A 1 40 ? -0.600  10.311  -0.752 1.00 27.39  ? 341 LYS A O   1 
ATOM   205 C CB  . LYS A 1 40 ? -1.636  13.074  0.706  1.00 27.02  ? 341 LYS A CB  1 
ATOM   206 C CG  . LYS A 1 40 ? -1.426  14.042  1.857  1.00 25.51  ? 341 LYS A CG  1 
ATOM   207 C CD  . LYS A 1 40 ? -0.805  13.389  3.062  1.00 25.62  ? 341 LYS A CD  1 
ATOM   208 C CE  . LYS A 1 40 ? -0.399  14.462  4.102  1.00 24.55  ? 341 LYS A CE  1 
ATOM   209 N NZ  . LYS A 1 40 ? 0.139   13.802  5.345  1.00 23.77  ? 341 LYS A NZ  1 
ATOM   210 N N   . GLU A 1 41 ? -1.022  11.970  -2.206 1.00 27.73  ? 342 GLU A N   1 
ATOM   211 C CA  . GLU A 1 41 ? -1.310  11.063  -3.333 1.00 28.31  ? 342 GLU A CA  1 
ATOM   212 C C   . GLU A 1 41 ? -0.101  10.249  -3.786 1.00 28.48  ? 342 GLU A C   1 
ATOM   213 O O   . GLU A 1 41 ? -0.256  9.084   -4.178 1.00 28.85  ? 342 GLU A O   1 
ATOM   214 C CB  . GLU A 1 41 ? -1.888  11.805  -4.541 1.00 27.32  ? 342 GLU A CB  1 
ATOM   215 C CG  . GLU A 1 41 ? -3.217  12.516  -4.274 1.00 30.21  ? 342 GLU A CG  1 
ATOM   216 C CD  . GLU A 1 41 ? -4.394  11.570  -4.004 1.00 30.92  ? 342 GLU A CD  1 
ATOM   217 O OE1 . GLU A 1 41 ? -4.292  10.327  -4.171 1.00 31.04  ? 342 GLU A OE1 1 
ATOM   218 O OE2 . GLU A 1 41 ? -5.449  12.096  -3.637 1.00 33.46  ? 342 GLU A OE2 1 
ATOM   219 N N   . ARG A 1 42 ? 1.080   10.861  -3.774 1.00 28.56  ? 343 ARG A N   1 
ATOM   220 C CA  . ARG A 1 42 ? 2.310   10.126  -4.096 1.00 29.69  ? 343 ARG A CA  1 
ATOM   221 C C   . ARG A 1 42 ? 2.530   9.013   -3.062 1.00 29.79  ? 343 ARG A C   1 
ATOM   222 O O   . ARG A 1 42 ? 2.776   7.862   -3.415 1.00 29.89  ? 343 ARG A O   1 
ATOM   223 C CB  . ARG A 1 42 ? 3.523   11.059  -4.150 1.00 29.46  ? 343 ARG A CB  1 
ATOM   224 C CG  . ARG A 1 42 ? 4.818   10.377  -4.671 1.00 32.12  ? 343 ARG A CG  1 
ATOM   225 C CD  . ARG A 1 42 ? 6.109   10.812  -3.981 1.00 36.22  ? 343 ARG A CD  1 
ATOM   226 N NE  . ARG A 1 42 ? 6.123   12.239  -3.647 1.00 41.41  ? 343 ARG A NE  1 
ATOM   227 C CZ  . ARG A 1 42 ? 5.997   12.726  -2.408 1.00 44.64  ? 343 ARG A CZ  1 
ATOM   228 N NH1 . ARG A 1 42 ? 5.844   11.897  -1.369 1.00 46.42  ? 343 ARG A NH1 1 
ATOM   229 N NH2 . ARG A 1 42 ? 6.014   14.040  -2.204 1.00 43.91  ? 343 ARG A NH2 1 
ATOM   230 N N   . GLU A 1 43 ? 2.389   9.369   -1.792 1.00 30.32  ? 344 GLU A N   1 
ATOM   231 C CA  . GLU A 1 43 ? 2.553   8.444   -0.694 1.00 31.63  ? 344 GLU A CA  1 
ATOM   232 C C   . GLU A 1 43 ? 1.514   7.320   -0.729 1.00 31.83  ? 344 GLU A C   1 
ATOM   233 O O   . GLU A 1 43 ? 1.856   6.166   -0.490 1.00 31.67  ? 344 GLU A O   1 
ATOM   234 C CB  . GLU A 1 43 ? 2.487   9.204   0.622  1.00 32.05  ? 344 GLU A CB  1 
ATOM   235 C CG  . GLU A 1 43 ? 2.913   8.410   1.839  1.00 34.27  ? 344 GLU A CG  1 
ATOM   236 C CD  . GLU A 1 43 ? 2.837   9.233   3.117  1.00 38.34  ? 344 GLU A CD  1 
ATOM   237 O OE1 . GLU A 1 43 ? 2.798   10.503  3.036  1.00 36.97  ? 344 GLU A OE1 1 
ATOM   238 O OE2 . GLU A 1 43 ? 2.816   8.591   4.198  1.00 39.67  ? 344 GLU A OE2 1 
ATOM   239 N N   . MET A 1 44 ? 0.265   7.655   -1.044 1.00 32.19  ? 345 MET A N   1 
ATOM   240 C CA  . MET A 1 44 ? -0.794  6.651   -1.152 1.00 32.60  ? 345 MET A CA  1 
ATOM   241 C C   . MET A 1 44 ? -0.574  5.669   -2.286 1.00 32.86  ? 345 MET A C   1 
ATOM   242 O O   . MET A 1 44 ? -0.821  4.476   -2.120 1.00 32.89  ? 345 MET A O   1 
ATOM   243 C CB  . MET A 1 44 ? -2.168  7.296   -1.280 1.00 32.24  ? 345 MET A CB  1 
ATOM   244 C CG  . MET A 1 44 ? -2.712  7.683   0.078  1.00 35.65  ? 345 MET A CG  1 
ATOM   245 S SD  . MET A 1 44 ? -4.324  8.470   0.009  1.00 38.94  ? 345 MET A SD  1 
ATOM   246 C CE  . MET A 1 44 ? -3.922  9.995   -0.838 1.00 37.19  ? 345 MET A CE  1 
ATOM   247 N N   . ALA A 1 45 ? -0.117  6.167   -3.433 1.00 32.86  ? 346 ALA A N   1 
ATOM   248 C CA  . ALA A 1 45 ? 0.189   5.312   -4.579 1.00 32.97  ? 346 ALA A CA  1 
ATOM   249 C C   . ALA A 1 45 ? 1.368   4.374   -4.292 1.00 33.46  ? 346 ALA A C   1 
ATOM   250 O O   . ALA A 1 45 ? 1.363   3.224   -4.740 1.00 33.55  ? 346 ALA A O   1 
ATOM   251 C CB  . ALA A 1 45 ? 0.447   6.150   -5.825 1.00 31.84  ? 346 ALA A CB  1 
ATOM   252 N N   . GLU A 1 46 ? 2.373   4.867   -3.560 1.00 34.37  ? 347 GLU A N   1 
ATOM   253 C CA  . GLU A 1 46 ? 3.498   4.041   -3.084 1.00 35.64  ? 347 GLU A CA  1 
ATOM   254 C C   . GLU A 1 46 ? 2.969   2.956   -2.136 1.00 35.93  ? 347 GLU A C   1 
ATOM   255 O O   . GLU A 1 46 ? 3.372   1.813   -2.238 1.00 35.57  ? 347 GLU A O   1 
ATOM   256 C CB  . GLU A 1 46 ? 4.551   4.878   -2.340 1.00 35.79  ? 347 GLU A CB  1 
ATOM   257 C CG  . GLU A 1 46 ? 5.353   5.855   -3.197 1.00 39.89  ? 347 GLU A CG  1 
ATOM   258 C CD  . GLU A 1 46 ? 6.213   6.827   -2.386 1.00 45.01  ? 347 GLU A CD  1 
ATOM   259 O OE1 . GLU A 1 46 ? 6.419   6.585   -1.167 1.00 47.85  ? 347 GLU A OE1 1 
ATOM   260 O OE2 . GLU A 1 46 ? 6.695   7.840   -2.966 1.00 46.18  ? 347 GLU A OE2 1 
ATOM   261 N N   . MET A 1 47 ? 2.068   3.333   -1.226 1.00 36.32  ? 348 MET A N   1 
ATOM   262 C CA  . MET A 1 47 ? 1.434   2.380   -0.326 1.00 37.68  ? 348 MET A CA  1 
ATOM   263 C C   . MET A 1 47 ? 0.656   1.309   -1.090 1.00 37.61  ? 348 MET A C   1 
ATOM   264 O O   . MET A 1 47 ? 0.820   0.111   -0.812 1.00 37.65  ? 348 MET A O   1 
ATOM   265 C CB  . MET A 1 47 ? 0.516   3.090   0.671  1.00 37.78  ? 348 MET A CB  1 
ATOM   266 C CG  . MET A 1 47 ? 1.216   3.584   1.916  1.00 41.45  ? 348 MET A CG  1 
ATOM   267 S SD  . MET A 1 47 ? 0.243   4.812   2.857  1.00 48.02  ? 348 MET A SD  1 
ATOM   268 C CE  . MET A 1 47 ? 1.405   5.199   4.216  1.00 49.33  ? 348 MET A CE  1 
ATOM   269 N N   . ARG A 1 48 ? -0.183  1.727   -2.041 1.00 37.43  ? 349 ARG A N   1 
ATOM   270 C CA  . ARG A 1 48 ? -0.961  0.773   -2.839 1.00 37.63  ? 349 ARG A CA  1 
ATOM   271 C C   . ARG A 1 48 ? -0.070  -0.192  -3.631 1.00 38.04  ? 349 ARG A C   1 
ATOM   272 O O   . ARG A 1 48 ? -0.453  -1.342  -3.844 1.00 37.71  ? 349 ARG A O   1 
ATOM   273 C CB  . ARG A 1 48 ? -1.932  1.480   -3.781 1.00 37.48  ? 349 ARG A CB  1 
ATOM   274 C CG  . ARG A 1 48 ? -3.116  2.113   -3.061 1.00 38.07  ? 349 ARG A CG  1 
ATOM   275 C CD  . ARG A 1 48 ? -4.226  2.670   -3.967 1.00 39.83  ? 349 ARG A CD  1 
ATOM   276 N NE  . ARG A 1 48 ? -3.727  3.648   -4.930 1.00 42.02  ? 349 ARG A NE  1 
ATOM   277 C CZ  . ARG A 1 48 ? -3.798  4.968   -4.779 1.00 42.60  ? 349 ARG A CZ  1 
ATOM   278 N NH1 . ARG A 1 48 ? -4.360  5.509   -3.698 1.00 40.73  ? 349 ARG A NH1 1 
ATOM   279 N NH2 . ARG A 1 48 ? -3.303  5.750   -5.725 1.00 44.37  ? 349 ARG A NH2 1 
ATOM   280 N N   . ALA A 1 49 ? 1.101   0.285   -4.066 1.00 37.94  ? 350 ALA A N   1 
ATOM   281 C CA  . ALA A 1 49 ? 2.054   -0.539  -4.808 1.00 38.57  ? 350 ALA A CA  1 
ATOM   282 C C   . ALA A 1 49 ? 2.702   -1.594  -3.908 1.00 39.22  ? 350 ALA A C   1 
ATOM   283 O O   . ALA A 1 49 ? 2.809   -2.759  -4.302 1.00 38.58  ? 350 ALA A O   1 
ATOM   284 C CB  . ALA A 1 49 ? 3.118   0.317   -5.492 1.00 38.05  ? 350 ALA A CB  1 
ATOM   285 N N   . ARG A 1 50 ? 3.116   -1.180  -2.706 1.00 40.14  ? 351 ARG A N   1 
ATOM   286 C CA  . ARG A 1 50 ? 3.705   -2.090  -1.725 1.00 41.24  ? 351 ARG A CA  1 
ATOM   287 C C   . ARG A 1 50 ? 2.702   -3.143  -1.301 1.00 41.51  ? 351 ARG A C   1 
ATOM   288 O O   . ARG A 1 50 ? 3.064   -4.313  -1.149 1.00 41.42  ? 351 ARG A O   1 
ATOM   289 C CB  . ARG A 1 50 ? 4.209   -1.348  -0.491 1.00 41.49  ? 351 ARG A CB  1 
ATOM   290 C CG  . ARG A 1 50 ? 5.551   -0.672  -0.657 1.00 44.59  ? 351 ARG A CG  1 
ATOM   291 C CD  . ARG A 1 50 ? 6.154   -0.177  0.667  1.00 50.34  ? 351 ARG A CD  1 
ATOM   292 N NE  . ARG A 1 50 ? 6.257   1.288   0.753  1.00 54.59  ? 351 ARG A NE  1 
ATOM   293 C CZ  . ARG A 1 50 ? 5.323   2.099   1.276  1.00 56.72  ? 351 ARG A CZ  1 
ATOM   294 N NH1 . ARG A 1 50 ? 4.187   1.608   1.768  1.00 57.25  ? 351 ARG A NH1 1 
ATOM   295 N NH2 . ARG A 1 50 ? 5.527   3.411   1.314  1.00 56.95  ? 351 ARG A NH2 1 
ATOM   296 N N   . MET A 1 51 ? 1.450   -2.724  -1.109 1.00 41.73  ? 352 MET A N   1 
ATOM   297 C CA  . MET A 1 51 ? 0.386   -3.639  -0.719 1.00 42.52  ? 352 MET A CA  1 
ATOM   298 C C   . MET A 1 51 ? 0.160   -4.701  -1.810 1.00 42.85  ? 352 MET A C   1 
ATOM   299 O O   . MET A 1 51 ? 0.065   -5.895  -1.503 1.00 43.80  ? 352 MET A O   1 
ATOM   300 C CB  A MET A 1 51 ? -0.911  -2.860  -0.404 0.50 42.19  ? 352 MET A CB  1 
ATOM   301 C CB  B MET A 1 51 ? -0.929  -2.914  -0.389 0.50 42.39  ? 352 MET A CB  1 
ATOM   302 C CG  A MET A 1 51 ? -0.903  -2.119  0.957  0.50 42.57  ? 352 MET A CG  1 
ATOM   303 C CG  B MET A 1 51 ? -2.094  -3.853  0.008  0.50 43.60  ? 352 MET A CG  1 
ATOM   304 S SD  A MET A 1 51 ? -2.328  -1.005  1.287  0.50 44.09  ? 352 MET A SD  1 
ATOM   305 S SD  B MET A 1 51 ? -1.693  -5.169  1.230  0.50 46.13  ? 352 MET A SD  1 
ATOM   306 C CE  A MET A 1 51 ? -3.554  -2.205  1.694  0.50 43.10  ? 352 MET A CE  1 
ATOM   307 C CE  B MET A 1 51 ? -3.333  -5.766  1.658  0.50 45.68  ? 352 MET A CE  1 
ATOM   308 N N   . GLN A 1 52 ? 0.084   -4.276  -3.066 1.00 42.09  ? 353 GLN A N   1 
ATOM   309 C CA  . GLN A 1 52 ? -0.026  -5.225  -4.158 1.00 42.18  ? 353 GLN A CA  1 
ATOM   310 C C   . GLN A 1 52 ? 1.155   -6.206  -4.205 1.00 41.87  ? 353 GLN A C   1 
ATOM   311 O O   . GLN A 1 52 ? 0.941   -7.399  -4.324 1.00 41.43  ? 353 GLN A O   1 
ATOM   312 C CB  . GLN A 1 52 ? -0.223  -4.521  -5.503 1.00 41.87  ? 353 GLN A CB  1 
ATOM   313 C CG  . GLN A 1 52 ? -0.650  -5.448  -6.643 1.00 43.19  ? 353 GLN A CG  1 
ATOM   314 C CD  . GLN A 1 52 ? -1.905  -6.257  -6.335 1.00 45.29  ? 353 GLN A CD  1 
ATOM   315 O OE1 . GLN A 1 52 ? -1.874  -7.496  -6.356 1.00 46.75  ? 353 GLN A OE1 1 
ATOM   316 N NE2 . GLN A 1 52 ? -3.003  -5.568  -6.048 1.00 45.04  ? 353 GLN A NE2 1 
ATOM   317 N N   . GLN A 1 53 ? 2.383   -5.710  -4.103 1.00 41.88  ? 354 GLN A N   1 
ATOM   318 C CA  . GLN A 1 53 ? 3.553   -6.578  -4.104 1.00 42.80  ? 354 GLN A CA  1 
ATOM   319 C C   . GLN A 1 53 ? 3.505   -7.590  -2.956 1.00 43.10  ? 354 GLN A C   1 
ATOM   320 O O   . GLN A 1 53 ? 3.840   -8.754  -3.133 1.00 43.23  ? 354 GLN A O   1 
ATOM   321 C CB  . GLN A 1 53 ? 4.832   -5.765  -4.011 1.00 42.74  ? 354 GLN A CB  1 
ATOM   322 C CG  . GLN A 1 53 ? 6.072   -6.625  -4.075 1.00 45.10  ? 354 GLN A CG  1 
ATOM   323 C CD  . GLN A 1 53 ? 7.332   -5.860  -3.780 1.00 47.54  ? 354 GLN A CD  1 
ATOM   324 O OE1 . GLN A 1 53 ? 8.363   -6.083  -4.423 1.00 49.34  ? 354 GLN A OE1 1 
ATOM   325 N NE2 . GLN A 1 53 ? 7.268   -4.960  -2.808 1.00 47.84  ? 354 GLN A NE2 1 
ATOM   326 N N   . GLN A 1 54 ? 3.083   -7.120  -1.792 1.00 43.21  ? 355 GLN A N   1 
ATOM   327 C CA  . GLN A 1 54 ? 2.920   -7.935  -0.609 1.00 43.81  ? 355 GLN A CA  1 
ATOM   328 C C   . GLN A 1 54 ? 1.868   -9.038  -0.782 1.00 43.30  ? 355 GLN A C   1 
ATOM   329 O O   . GLN A 1 54 ? 2.077   -10.148 -0.311 1.00 42.69  ? 355 GLN A O   1 
ATOM   330 C CB  . GLN A 1 54 ? 2.603   -7.039  0.590  1.00 43.77  ? 355 GLN A CB  1 
ATOM   331 C CG  . GLN A 1 54 ? 2.803   -7.675  1.938  1.00 46.93  ? 355 GLN A CG  1 
ATOM   332 C CD  . GLN A 1 54 ? 4.225   -8.132  2.203  1.00 49.58  ? 355 GLN A CD  1 
ATOM   333 O OE1 . GLN A 1 54 ? 4.439   -9.265  2.649  1.00 51.21  ? 355 GLN A OE1 1 
ATOM   334 N NE2 . GLN A 1 54 ? 5.199   -7.256  1.939  1.00 50.75  ? 355 GLN A NE2 1 
ATOM   335 N N   . LEU A 1 55 ? 0.757   -8.738  -1.457 1.00 43.00  ? 356 LEU A N   1 
ATOM   336 C CA  . LEU A 1 55 ? -0.252  -9.762  -1.752 1.00 43.00  ? 356 LEU A CA  1 
ATOM   337 C C   . LEU A 1 55 ? 0.273   -10.820 -2.733 1.00 42.93  ? 356 LEU A C   1 
ATOM   338 O O   . LEU A 1 55 ? -0.141  -11.981 -2.676 1.00 42.12  ? 356 LEU A O   1 
ATOM   339 C CB  . LEU A 1 55 ? -1.540  -9.154  -2.323 1.00 42.67  ? 356 LEU A CB  1 
ATOM   340 C CG  . LEU A 1 55 ? -2.469  -8.325  -1.428 1.00 43.04  ? 356 LEU A CG  1 
ATOM   341 C CD1 . LEU A 1 55 ? -3.320  -7.406  -2.287 1.00 40.95  ? 356 LEU A CD1 1 
ATOM   342 C CD2 . LEU A 1 55 ? -3.380  -9.209  -0.582 1.00 42.53  ? 356 LEU A CD2 1 
ATOM   343 N N   . ASP A 1 56 ? 1.158   -10.394 -3.635 1.00 42.68  ? 357 ASP A N   1 
ATOM   344 C CA  . ASP A 1 56 ? 1.750   -11.270 -4.638 1.00 42.92  ? 357 ASP A CA  1 
ATOM   345 C C   . ASP A 1 56 ? 2.755   -12.206 -3.997 1.00 42.80  ? 357 ASP A C   1 
ATOM   346 O O   . ASP A 1 56 ? 2.795   -13.387 -4.335 1.00 42.65  ? 357 ASP A O   1 
ATOM   347 C CB  . ASP A 1 56 ? 2.485   -10.470 -5.705 1.00 42.79  ? 357 ASP A CB  1 
ATOM   348 C CG  . ASP A 1 56 ? 1.552   -9.773  -6.672 1.00 44.41  ? 357 ASP A CG  1 
ATOM   349 O OD1 . ASP A 1 56 ? 0.438   -10.289 -6.934 1.00 44.93  ? 357 ASP A OD1 1 
ATOM   350 O OD2 . ASP A 1 56 ? 1.878   -8.704  -7.239 1.00 44.17  ? 357 ASP A OD2 1 
ATOM   351 N N   . GLU A 1 57 ? 3.580   -11.666 -3.098 1.00 42.45  ? 358 GLU A N   1 
ATOM   352 C CA  . GLU A 1 57 ? 4.596   -12.452 -2.406 1.00 42.49  ? 358 GLU A CA  1 
ATOM   353 C C   . GLU A 1 57 ? 3.956   -13.461 -1.456 1.00 42.15  ? 358 GLU A C   1 
ATOM   354 O O   . GLU A 1 57 ? 4.466   -14.571 -1.290 1.00 42.62  ? 358 GLU A O   1 
ATOM   355 C CB  . GLU A 1 57 ? 5.574   -11.551 -1.657 1.00 42.38  ? 358 GLU A CB  1 
ATOM   356 C CG  . GLU A 1 57 ? 6.586   -10.863 -2.565 1.00 43.47  ? 358 GLU A CG  1 
ATOM   357 C CD  . GLU A 1 57 ? 7.324   -9.735  -1.866 1.00 45.65  ? 358 GLU A CD  1 
ATOM   358 O OE1 . GLU A 1 57 ? 6.815   -9.238  -0.841 1.00 46.69  ? 358 GLU A OE1 1 
ATOM   359 O OE2 . GLU A 1 57 ? 8.415   -9.338  -2.343 1.00 47.61  ? 358 GLU A OE2 1 
ATOM   360 N N   . TYR A 1 58 ? 2.848   -13.070 -0.836 1.00 41.07  ? 359 TYR A N   1 
ATOM   361 C CA  . TYR A 1 58 ? 2.072   -13.984 -0.020 1.00 40.65  ? 359 TYR A CA  1 
ATOM   362 C C   . TYR A 1 58 ? 1.556   -15.165 -0.847 1.00 41.18  ? 359 TYR A C   1 
ATOM   363 O O   . TYR A 1 58 ? 1.714   -16.323 -0.450 1.00 41.87  ? 359 TYR A O   1 
ATOM   364 C CB  . TYR A 1 58 ? 0.910   -13.271 0.666  1.00 39.93  ? 359 TYR A CB  1 
ATOM   365 C CG  . TYR A 1 58 ? 0.165   -14.159 1.633  1.00 37.56  ? 359 TYR A CG  1 
ATOM   366 C CD1 . TYR A 1 58 ? -0.869  -14.988 1.198  1.00 35.41  ? 359 TYR A CD1 1 
ATOM   367 C CD2 . TYR A 1 58 ? 0.509   -14.185 2.980  1.00 36.87  ? 359 TYR A CD2 1 
ATOM   368 C CE1 . TYR A 1 58 ? -1.539  -15.826 2.080  1.00 34.90  ? 359 TYR A CE1 1 
ATOM   369 C CE2 . TYR A 1 58 ? -0.162  -15.012 3.880  1.00 36.02  ? 359 TYR A CE2 1 
ATOM   370 C CZ  . TYR A 1 58 ? -1.184  -15.832 3.422  1.00 35.86  ? 359 TYR A CZ  1 
ATOM   371 O OH  . TYR A 1 58 ? -1.860  -16.645 4.308  1.00 35.14  ? 359 TYR A OH  1 
ATOM   372 N N   . GLN A 1 59 ? 0.938   -14.868 -1.988 1.00 40.50  ? 360 GLN A N   1 
ATOM   373 C CA  . GLN A 1 59 ? 0.437   -15.891 -2.894 1.00 40.28  ? 360 GLN A CA  1 
ATOM   374 C C   . GLN A 1 59 ? 1.546   -16.839 -3.371 1.00 39.58  ? 360 GLN A C   1 
ATOM   375 O O   . GLN A 1 59 ? 1.328   -18.036 -3.523 1.00 39.21  ? 360 GLN A O   1 
ATOM   376 C CB  . GLN A 1 59 ? -0.264  -15.233 -4.087 1.00 40.54  ? 360 GLN A CB  1 
ATOM   377 C CG  . GLN A 1 59 ? -1.075  -16.188 -4.970 1.00 42.33  ? 360 GLN A CG  1 
ATOM   378 C CD  . GLN A 1 59 ? -2.143  -16.967 -4.207 1.00 45.68  ? 360 GLN A CD  1 
ATOM   379 O OE1 . GLN A 1 59 ? -2.168  -18.214 -4.252 1.00 48.06  ? 360 GLN A OE1 1 
ATOM   380 N NE2 . GLN A 1 59 ? -3.028  -16.247 -3.509 1.00 45.55  ? 360 GLN A NE2 1 
ATOM   381 N N   . GLU A 1 60 ? 2.729   -16.291 -3.615 1.00 39.06  ? 361 GLU A N   1 
ATOM   382 C CA  . GLU A 1 60 ? 3.890   -17.077 -3.995 1.00 38.97  ? 361 GLU A CA  1 
ATOM   383 C C   . GLU A 1 60 ? 4.325   -18.031 -2.866 1.00 38.63  ? 361 GLU A C   1 
ATOM   384 O O   . GLU A 1 60 ? 4.617   -19.211 -3.122 1.00 38.91  ? 361 GLU A O   1 
ATOM   385 C CB  . GLU A 1 60 ? 5.020   -16.139 -4.384 1.00 39.17  ? 361 GLU A CB  1 
ATOM   386 C CG  . GLU A 1 60 ? 6.340   -16.798 -4.722 1.00 41.55  ? 361 GLU A CG  1 
ATOM   387 C CD  . GLU A 1 60 ? 7.304   -15.810 -5.340 1.00 45.93  ? 361 GLU A CD  1 
ATOM   388 O OE1 . GLU A 1 60 ? 6.935   -14.616 -5.438 1.00 47.35  ? 361 GLU A OE1 1 
ATOM   389 O OE2 . GLU A 1 60 ? 8.417   -16.228 -5.744 1.00 48.33  ? 361 GLU A OE2 1 
ATOM   390 N N   . LEU A 1 61 ? 4.360   -17.526 -1.633 1.00 37.58  ? 362 LEU A N   1 
ATOM   391 C CA  . LEU A 1 61 ? 4.651   -18.354 -0.466 1.00 36.88  ? 362 LEU A CA  1 
ATOM   392 C C   . LEU A 1 61 ? 3.576   -19.415 -0.238 1.00 37.01  ? 362 LEU A C   1 
ATOM   393 O O   . LEU A 1 61 ? 3.894   -20.573 0.057  1.00 37.38  ? 362 LEU A O   1 
ATOM   394 C CB  . LEU A 1 61 ? 4.859   -17.513 0.801  1.00 36.31  ? 362 LEU A CB  1 
ATOM   395 C CG  . LEU A 1 61 ? 5.303   -18.279 2.060  1.00 35.77  ? 362 LEU A CG  1 
ATOM   396 C CD1 . LEU A 1 61 ? 6.652   -18.972 1.854  1.00 33.67  ? 362 LEU A CD1 1 
ATOM   397 C CD2 . LEU A 1 61 ? 5.344   -17.361 3.270  1.00 35.66  ? 362 LEU A CD2 1 
ATOM   398 N N   . LEU A 1 62 ? 2.316   -19.035 -0.393 1.00 36.15  ? 363 LEU A N   1 
ATOM   399 C CA  . LEU A 1 62 ? 1.217   -19.958 -0.191 1.00 36.29  ? 363 LEU A CA  1 
ATOM   400 C C   . LEU A 1 62 ? 1.267   -21.149 -1.174 1.00 36.49  ? 363 LEU A C   1 
ATOM   401 O O   . LEU A 1 62 ? 0.951   -22.286 -0.816 1.00 36.13  ? 363 LEU A O   1 
ATOM   402 C CB  . LEU A 1 62 ? -0.109  -19.214 -0.307 1.00 35.78  ? 363 LEU A CB  1 
ATOM   403 C CG  . LEU A 1 62 ? -1.365  -20.055 -0.150 1.00 36.41  ? 363 LEU A CG  1 
ATOM   404 C CD1 . LEU A 1 62 ? -1.464  -20.648 1.252  1.00 36.99  ? 363 LEU A CD1 1 
ATOM   405 C CD2 . LEU A 1 62 ? -2.594  -19.212 -0.476 1.00 38.17  ? 363 LEU A CD2 1 
ATOM   406 N N   . ASP A 1 63 ? 1.658   -20.882 -2.412 1.00 36.60  ? 364 ASP A N   1 
ATOM   407 C CA  . ASP A 1 63 ? 1.790   -21.936 -3.408 1.00 36.59  ? 364 ASP A CA  1 
ATOM   408 C C   . ASP A 1 63 ? 2.905   -22.899 -3.037 1.00 36.37  ? 364 ASP A C   1 
ATOM   409 O O   . ASP A 1 63 ? 2.761   -24.107 -3.206 1.00 36.68  ? 364 ASP A O   1 
ATOM   410 C CB  . ASP A 1 63 ? 2.071   -21.341 -4.773 1.00 36.61  ? 364 ASP A CB  1 
ATOM   411 C CG  . ASP A 1 63 ? 0.849   -20.688 -5.389 1.00 39.08  ? 364 ASP A CG  1 
ATOM   412 O OD1 . ASP A 1 63 ? -0.292  -20.973 -4.952 1.00 40.37  ? 364 ASP A OD1 1 
ATOM   413 O OD2 . ASP A 1 63 ? 0.951   -19.869 -6.330 1.00 40.68  ? 364 ASP A OD2 1 
ATOM   414 N N   . ILE A 1 64 ? 4.020   -22.363 -2.550 1.00 36.37  ? 365 ILE A N   1 
ATOM   415 C CA  . ILE A 1 64 ? 5.121   -23.193 -2.051 1.00 36.23  ? 365 ILE A CA  1 
ATOM   416 C C   . ILE A 1 64 ? 4.626   -24.041 -0.882 1.00 35.73  ? 365 ILE A C   1 
ATOM   417 O O   . ILE A 1 64 ? 4.796   -25.241 -0.888 1.00 36.13  ? 365 ILE A O   1 
ATOM   418 C CB  . ILE A 1 64 ? 6.332   -22.328 -1.666 1.00 36.32  ? 365 ILE A CB  1 
ATOM   419 C CG1 . ILE A 1 64 ? 7.013   -21.821 -2.939 1.00 36.05  ? 365 ILE A CG1 1 
ATOM   420 C CG2 . ILE A 1 64 ? 7.325   -23.113 -0.789 1.00 35.36  ? 365 ILE A CG2 1 
ATOM   421 C CD1 . ILE A 1 64 ? 7.915   -20.628 -2.723 1.00 36.14  ? 365 ILE A CD1 1 
ATOM   422 N N   . LYS A 1 65 ? 3.948   -23.406 0.070  1.00 35.53  ? 366 LYS A N   1 
ATOM   423 C CA  . LYS A 1 65 ? 3.365   -24.072 1.227  1.00 34.42  ? 366 LYS A CA  1 
ATOM   424 C C   . LYS A 1 65 ? 2.452   -25.233 0.844  1.00 34.10  ? 366 LYS A C   1 
ATOM   425 O O   . LYS A 1 65 ? 2.557   -26.319 1.419  1.00 33.81  ? 366 LYS A O   1 
ATOM   426 C CB  . LYS A 1 65 ? 2.598   -23.080 2.104  1.00 34.15  ? 366 LYS A CB  1 
ATOM   427 C CG  . LYS A 1 65 ? 2.181   -23.646 3.459  1.00 33.39  ? 366 LYS A CG  1 
ATOM   428 C CD  . LYS A 1 65 ? 0.784   -24.231 3.374  1.00 31.42  ? 366 LYS A CD  1 
ATOM   429 C CE  . LYS A 1 65 ? 0.160   -24.333 4.721  1.00 31.24  ? 366 LYS A CE  1 
ATOM   430 N NZ  . LYS A 1 65 ? -1.033  -25.217 4.723  1.00 28.64  ? 366 LYS A NZ  1 
ATOM   431 N N   . LEU A 1 66 ? 1.555   -25.005 -0.111 1.00 32.70  ? 367 LEU A N   1 
ATOM   432 C CA  . LEU A 1 66 ? 0.600   -26.036 -0.482 1.00 31.85  ? 367 LEU A CA  1 
ATOM   433 C C   . LEU A 1 66 ? 1.262   -27.233 -1.177 1.00 31.15  ? 367 LEU A C   1 
ATOM   434 O O   . LEU A 1 66 ? 0.763   -28.336 -1.082 1.00 30.63  ? 367 LEU A O   1 
ATOM   435 C CB  . LEU A 1 66 ? -0.514  -25.470 -1.355 1.00 31.78  ? 367 LEU A CB  1 
ATOM   436 C CG  . LEU A 1 66 ? -1.432  -24.434 -0.687 1.00 32.16  ? 367 LEU A CG  1 
ATOM   437 C CD1 . LEU A 1 66 ? -2.263  -23.705 -1.741 1.00 30.02  ? 367 LEU A CD1 1 
ATOM   438 C CD2 . LEU A 1 66 ? -2.338  -25.094 0.378  1.00 31.86  ? 367 LEU A CD2 1 
ATOM   439 N N   . ALA A 1 67 ? 2.364   -26.987 -1.879 1.00 30.55  ? 368 ALA A N   1 
ATOM   440 C CA  . ALA A 1 67 ? 3.150   -28.039 -2.527 1.00 30.10  ? 368 ALA A CA  1 
ATOM   441 C C   . ALA A 1 67 ? 3.880   -28.905 -1.484 1.00 29.78  ? 368 ALA A C   1 
ATOM   442 O O   . ALA A 1 67 ? 3.933   -30.139 -1.604 1.00 29.48  ? 368 ALA A O   1 
ATOM   443 C CB  . ALA A 1 67 ? 4.122   -27.424 -3.538 1.00 29.63  ? 368 ALA A CB  1 
ATOM   444 N N   . LEU A 1 68 ? 4.422   -28.248 -0.459 1.00 29.40  ? 369 LEU A N   1 
ATOM   445 C CA  . LEU A 1 68 ? 4.989   -28.924 0.704  1.00 28.92  ? 369 LEU A CA  1 
ATOM   446 C C   . LEU A 1 68 ? 3.962   -29.782 1.441  1.00 29.27  ? 369 LEU A C   1 
ATOM   447 O O   . LEU A 1 68 ? 4.272   -30.900 1.844  1.00 29.11  ? 369 LEU A O   1 
ATOM   448 C CB  . LEU A 1 68 ? 5.622   -27.924 1.678  1.00 28.14  ? 369 LEU A CB  1 
ATOM   449 C CG  . LEU A 1 68 ? 6.794   -27.073 1.200  1.00 27.33  ? 369 LEU A CG  1 
ATOM   450 C CD1 . LEU A 1 68 ? 7.304   -26.229 2.362  1.00 27.70  ? 369 LEU A CD1 1 
ATOM   451 C CD2 . LEU A 1 68 ? 7.947   -27.894 0.590  1.00 25.08  ? 369 LEU A CD2 1 
ATOM   452 N N   . ASP A 1 69 ? 2.742   -29.274 1.609  1.00 28.98  ? 370 ASP A N   1 
ATOM   453 C CA  . ASP A 1 69 ? 1.673   -30.070 2.209  1.00 29.06  ? 370 ASP A CA  1 
ATOM   454 C C   . ASP A 1 69 ? 1.454   -31.367 1.439  1.00 29.08  ? 370 ASP A C   1 
ATOM   455 O O   . ASP A 1 69 ? 1.280   -32.425 2.046  1.00 29.17  ? 370 ASP A O   1 
ATOM   456 C CB  . ASP A 1 69 ? 0.372   -29.280 2.212  1.00 29.29  ? 370 ASP A CB  1 
ATOM   457 C CG  . ASP A 1 69 ? 0.265   -28.337 3.385  1.00 30.26  ? 370 ASP A CG  1 
ATOM   458 O OD1 . ASP A 1 69 ? 0.983   -28.497 4.390  1.00 31.89  ? 370 ASP A OD1 1 
ATOM   459 O OD2 . ASP A 1 69 ? -0.552  -27.406 3.393  1.00 32.91  ? 370 ASP A OD2 1 
ATOM   460 N N   . MET A 1 70 ? 1.443   -31.278 0.104  1.00 29.09  ? 371 MET A N   1 
ATOM   461 C CA  . MET A 1 70 ? 1.302   -32.457 -0.750 1.00 30.08  ? 371 MET A CA  1 
ATOM   462 C C   . MET A 1 70 ? 2.460   -33.440 -0.641 1.00 29.57  ? 371 MET A C   1 
ATOM   463 O O   . MET A 1 70 ? 2.233   -34.644 -0.566 1.00 30.45  ? 371 MET A O   1 
ATOM   464 C CB  . MET A 1 70 ? 1.133   -32.052 -2.208 1.00 30.71  ? 371 MET A CB  1 
ATOM   465 C CG  . MET A 1 70 ? -0.208  -31.450 -2.503 1.00 33.78  ? 371 MET A CG  1 
ATOM   466 S SD  . MET A 1 70 ? -0.596  -31.570 -4.253 1.00 40.47  ? 371 MET A SD  1 
ATOM   467 C CE  . MET A 1 70 ? -0.717  -33.336 -4.441 1.00 36.70  ? 371 MET A CE  1 
ATOM   468 N N   . GLU A 1 71 ? 3.696   -32.944 -0.660 1.00 28.90  ? 372 GLU A N   1 
ATOM   469 C CA  . GLU A 1 71 ? 4.872   -33.801 -0.401 1.00 28.49  ? 372 GLU A CA  1 
ATOM   470 C C   . GLU A 1 71 ? 4.788   -34.528 0.944  1.00 27.98  ? 372 GLU A C   1 
ATOM   471 O O   . GLU A 1 71 ? 5.161   -35.693 1.050  1.00 28.20  ? 372 GLU A O   1 
ATOM   472 C CB  . GLU A 1 71 ? 6.165   -32.988 -0.442 1.00 27.80  ? 372 GLU A CB  1 
ATOM   473 C CG  . GLU A 1 71 ? 6.495   -32.404 -1.801 1.00 28.66  ? 372 GLU A CG  1 
ATOM   474 C CD  . GLU A 1 71 ? 7.838   -31.687 -1.818 1.00 30.62  ? 372 GLU A CD  1 
ATOM   475 O OE1 . GLU A 1 71 ? 8.170   -30.991 -0.849 1.00 35.37  ? 372 GLU A OE1 1 
ATOM   476 O OE2 . GLU A 1 71 ? 8.582   -31.812 -2.791 1.00 31.31  ? 372 GLU A OE2 1 
ATOM   477 N N   . ILE A 1 72 ? 4.314   -33.844 1.982  1.00 27.90  ? 373 ILE A N   1 
ATOM   478 C CA  . ILE A 1 72 ? 4.183   -34.468 3.299  1.00 27.83  ? 373 ILE A CA  1 
ATOM   479 C C   . ILE A 1 72 ? 3.106   -35.575 3.271  1.00 28.46  ? 373 ILE A C   1 
ATOM   480 O O   . ILE A 1 72 ? 3.319   -36.661 3.811  1.00 29.14  ? 373 ILE A O   1 
ATOM   481 C CB  . ILE A 1 72 ? 3.959   -33.388 4.370  1.00 28.21  ? 373 ILE A CB  1 
ATOM   482 C CG1 . ILE A 1 72 ? 5.320   -32.748 4.689  1.00 27.67  ? 373 ILE A CG1 1 
ATOM   483 C CG2 . ILE A 1 72 ? 3.313   -33.945 5.653  1.00 26.43  ? 373 ILE A CG2 1 
ATOM   484 C CD1 . ILE A 1 72 ? 5.221   -31.406 5.258  1.00 26.36  ? 373 ILE A CD1 1 
ATOM   485 N N   . HIS A 1 73 ? 1.980   -35.319 2.599  1.00 28.65  ? 374 HIS A N   1 
ATOM   486 C CA  . HIS A 1 73 ? 0.964   -36.357 2.346  1.00 28.48  ? 374 HIS A CA  1 
ATOM   487 C C   . HIS A 1 73 ? 1.582   -37.591 1.702  1.00 28.37  ? 374 HIS A C   1 
ATOM   488 O O   . HIS A 1 73 ? 1.304   -38.707 2.116  1.00 28.23  ? 374 HIS A O   1 
ATOM   489 C CB  . HIS A 1 73 ? -0.121  -35.838 1.413  1.00 28.36  ? 374 HIS A CB  1 
ATOM   490 C CG  . HIS A 1 73 ? -1.157  -35.003 2.089  1.00 28.76  ? 374 HIS A CG  1 
ATOM   491 N ND1 . HIS A 1 73 ? -1.838  -35.426 3.210  1.00 28.79  ? 374 HIS A ND1 1 
ATOM   492 C CD2 . HIS A 1 73 ? -1.644  -33.772 1.792  1.00 29.03  ? 374 HIS A CD2 1 
ATOM   493 C CE1 . HIS A 1 73 ? -2.694  -34.489 3.580  1.00 28.84  ? 374 HIS A CE1 1 
ATOM   494 N NE2 . HIS A 1 73 ? -2.595  -33.475 2.737  1.00 29.11  ? 374 HIS A NE2 1 
ATOM   495 N N   . ALA A 1 74 ? 2.416   -37.377 0.684  1.00 28.14  ? 375 ALA A N   1 
ATOM   496 C CA  . ALA A 1 74 ? 3.086   -38.476 -0.022 1.00 28.07  ? 375 ALA A CA  1 
ATOM   497 C C   . ALA A 1 74 ? 4.044   -39.264 0.856  1.00 27.85  ? 375 ALA A C   1 
ATOM   498 O O   . ALA A 1 74 ? 4.048   -40.495 0.790  1.00 27.39  ? 375 ALA A O   1 
ATOM   499 C CB  . ALA A 1 74 ? 3.809   -37.984 -1.266 1.00 27.91  ? 375 ALA A CB  1 
ATOM   500 N N   . TYR A 1 75 ? 4.873   -38.560 1.634  1.00 27.64  ? 376 TYR A N   1 
ATOM   501 C CA  . TYR A 1 75 ? 5.789   -39.211 2.569  1.00 27.78  ? 376 TYR A CA  1 
ATOM   502 C C   . TYR A 1 75 ? 5.040   -39.995 3.630  1.00 29.07  ? 376 TYR A C   1 
ATOM   503 O O   . TYR A 1 75 ? 5.484   -41.076 4.019  1.00 28.36  ? 376 TYR A O   1 
ATOM   504 C CB  . TYR A 1 75 ? 6.705   -38.212 3.266  1.00 27.45  ? 376 TYR A CB  1 
ATOM   505 C CG  . TYR A 1 75 ? 7.806   -37.642 2.388  1.00 26.85  ? 376 TYR A CG  1 
ATOM   506 C CD1 . TYR A 1 75 ? 8.757   -38.469 1.786  1.00 24.87  ? 376 TYR A CD1 1 
ATOM   507 C CD2 . TYR A 1 75 ? 7.898   -36.268 2.177  1.00 26.95  ? 376 TYR A CD2 1 
ATOM   508 C CE1 . TYR A 1 75 ? 9.765   -37.932 0.984  1.00 27.28  ? 376 TYR A CE1 1 
ATOM   509 C CE2 . TYR A 1 75 ? 8.890   -35.720 1.377  1.00 27.27  ? 376 TYR A CE2 1 
ATOM   510 C CZ  . TYR A 1 75 ? 9.819   -36.554 0.786  1.00 27.07  ? 376 TYR A CZ  1 
ATOM   511 O OH  . TYR A 1 75 ? 10.793  -35.994 0.001  1.00 28.68  ? 376 TYR A OH  1 
ATOM   512 N N   . ARG A 1 76 ? 3.920   -39.436 4.097  1.00 30.43  ? 377 ARG A N   1 
ATOM   513 C CA  . ARG A 1 76 ? 3.020   -40.104 5.046  1.00 32.40  ? 377 ARG A CA  1 
ATOM   514 C C   . ARG A 1 76 ? 2.588   -41.447 4.479  1.00 32.70  ? 377 ARG A C   1 
ATOM   515 O O   . ARG A 1 76 ? 2.793   -42.484 5.118  1.00 31.80  ? 377 ARG A O   1 
ATOM   516 C CB  . ARG A 1 76 ? 1.765   -39.251 5.304  1.00 32.50  ? 377 ARG A CB  1 
ATOM   517 C CG  . ARG A 1 76 ? 1.722   -38.518 6.606  1.00 36.79  ? 377 ARG A CG  1 
ATOM   518 C CD  . ARG A 1 76 ? 0.462   -37.641 6.758  1.00 42.38  ? 377 ARG A CD  1 
ATOM   519 N NE  . ARG A 1 76 ? 0.714   -36.425 7.538  1.00 46.20  ? 377 ARG A NE  1 
ATOM   520 C CZ  . ARG A 1 76 ? 0.445   -35.169 7.145  1.00 47.02  ? 377 ARG A CZ  1 
ATOM   521 N NH1 . ARG A 1 76 ? -0.078  -34.917 5.942  1.00 45.39  ? 377 ARG A NH1 1 
ATOM   522 N NH2 . ARG A 1 76 ? 0.722   -34.154 7.966  1.00 46.71  ? 377 ARG A NH2 1 
ATOM   523 N N   . LYS A 1 77 ? 2.010   -41.417 3.268  1.00 33.97  ? 378 LYS A N   1 
ATOM   524 C CA  . LYS A 1 77 ? 1.592   -42.641 2.562  1.00 35.39  ? 378 LYS A CA  1 
ATOM   525 C C   . LYS A 1 77 ? 2.698   -43.672 2.440  1.00 36.22  ? 378 LYS A C   1 
ATOM   526 O O   . LYS A 1 77 ? 2.466   -44.851 2.702  1.00 36.89  ? 378 LYS A O   1 
ATOM   527 C CB  . LYS A 1 77 ? 1.005   -42.348 1.180  1.00 35.29  ? 378 LYS A CB  1 
ATOM   528 C CG  . LYS A 1 77 ? -0.249  -41.504 1.207  1.00 37.62  ? 378 LYS A CG  1 
ATOM   529 C CD  . LYS A 1 77 ? -1.342  -42.058 0.286  1.00 41.38  ? 378 LYS A CD  1 
ATOM   530 C CE  . LYS A 1 77 ? -2.551  -41.127 0.284  1.00 42.83  ? 378 LYS A CE  1 
ATOM   531 N NZ  . LYS A 1 77 ? -3.750  -41.767 -0.328 1.00 45.63  ? 378 LYS A NZ  1 
ATOM   532 N N   . LEU A 1 78 ? 3.899   -43.257 2.042  1.00 37.12  ? 379 LEU A N   1 
ATOM   533 C CA  . LEU A 1 78 ? 5.019   -44.204 2.009  1.00 38.40  ? 379 LEU A CA  1 
ATOM   534 C C   . LEU A 1 78 ? 5.306   -44.793 3.393  1.00 39.62  ? 379 LEU A C   1 
ATOM   535 O O   . LEU A 1 78 ? 5.519   -45.985 3.528  1.00 39.77  ? 379 LEU A O   1 
ATOM   536 C CB  . LEU A 1 78 ? 6.288   -43.537 1.492  1.00 38.01  ? 379 LEU A CB  1 
ATOM   537 C CG  . LEU A 1 78 ? 6.406   -43.248 0.013  1.00 37.69  ? 379 LEU A CG  1 
ATOM   538 C CD1 . LEU A 1 78 ? 7.708   -42.504 -0.206 1.00 37.34  ? 379 LEU A CD1 1 
ATOM   539 C CD2 . LEU A 1 78 ? 6.361   -44.564 -0.784 1.00 37.73  ? 379 LEU A CD2 1 
ATOM   540 N N   . LEU A 1 79 ? 5.325   -43.940 4.412  1.00 41.36  ? 380 LEU A N   1 
ATOM   541 C CA  . LEU A 1 79 ? 5.566   -44.385 5.776  1.00 43.41  ? 380 LEU A CA  1 
ATOM   542 C C   . LEU A 1 79 ? 4.467   -45.346 6.283  1.00 44.72  ? 380 LEU A C   1 
ATOM   543 O O   . LEU A 1 79 ? 4.772   -46.314 6.982  1.00 45.12  ? 380 LEU A O   1 
ATOM   544 C CB  . LEU A 1 79 ? 5.757   -43.177 6.700  1.00 43.39  ? 380 LEU A CB  1 
ATOM   545 C CG  . LEU A 1 79 ? 6.779   -43.258 7.839  1.00 44.23  ? 380 LEU A CG  1 
ATOM   546 C CD1 . LEU A 1 79 ? 8.091   -43.889 7.391  1.00 44.91  ? 380 LEU A CD1 1 
ATOM   547 C CD2 . LEU A 1 79 ? 7.014   -41.878 8.475  1.00 44.29  ? 380 LEU A CD2 1 
ATOM   548 N N   . GLU A 1 80 ? 3.213   -45.097 5.894  1.00 46.28  ? 381 GLU A N   1 
ATOM   549 C CA  . GLU A 1 80 ? 2.078   -45.973 6.223  1.00 48.41  ? 381 GLU A CA  1 
ATOM   550 C C   . GLU A 1 80 ? 2.245   -47.392 5.693  1.00 50.00  ? 381 GLU A C   1 
ATOM   551 O O   . GLU A 1 80 ? 1.894   -48.353 6.382  1.00 50.27  ? 381 GLU A O   1 
ATOM   552 C CB  . GLU A 1 80 ? 0.759   -45.400 5.693  1.00 48.01  ? 381 GLU A CB  1 
ATOM   553 C CG  . GLU A 1 80 ? 0.117   -44.374 6.609  1.00 49.11  ? 381 GLU A CG  1 
ATOM   554 C CD  . GLU A 1 80 ? -0.885  -43.487 5.889  1.00 50.09  ? 381 GLU A CD  1 
ATOM   555 O OE1 . GLU A 1 80 ? -1.549  -43.998 4.960  1.00 51.09  ? 381 GLU A OE1 1 
ATOM   556 O OE2 . GLU A 1 80 ? -1.008  -42.290 6.253  1.00 48.88  ? 381 GLU A OE2 1 
ATOM   557 N N   . GLY A 1 81 ? 2.758   -47.514 4.465  1.00 52.11  ? 382 GLY A N   1 
ATOM   558 C CA  . GLY A 1 81 ? 3.027   -48.804 3.846  1.00 54.34  ? 382 GLY A CA  1 
ATOM   559 C C   . GLY A 1 81 ? 4.134   -49.561 4.565  1.00 56.35  ? 382 GLY A C   1 
ATOM   560 O O   . GLY A 1 81 ? 4.079   -50.798 4.698  1.00 56.60  ? 382 GLY A O   1 
ATOM   561 N N   . GLU A 1 82 ? 5.132   -48.803 5.027  1.00 57.86  ? 383 GLU A N   1 
ATOM   562 C CA  . GLU A 1 82 ? 6.281   -49.321 5.772  1.00 59.81  ? 383 GLU A CA  1 
ATOM   563 C C   . GLU A 1 82 ? 5.906   -49.947 7.113  1.00 60.49  ? 383 GLU A C   1 
ATOM   564 O O   . GLU A 1 82 ? 6.373   -51.041 7.458  1.00 60.70  ? 383 GLU A O   1 
ATOM   565 C CB  . GLU A 1 82 ? 7.279   -48.189 6.038  1.00 60.01  ? 383 GLU A CB  1 
ATOM   566 C CG  . GLU A 1 82 ? 8.716   -48.547 5.736  1.00 62.34  ? 383 GLU A CG  1 
ATOM   567 C CD  . GLU A 1 82 ? 9.020   -48.429 4.258  1.00 65.34  ? 383 GLU A CD  1 
ATOM   568 O OE1 . GLU A 1 82 ? 9.373   -47.308 3.819  1.00 66.72  ? 383 GLU A OE1 1 
ATOM   569 O OE2 . GLU A 1 82 ? 8.889   -49.450 3.538  1.00 65.76  ? 383 GLU A OE2 1 
ATOM   570 N N   . GLU A 1 83 ? 5.061   -49.237 7.856  1.00 61.47  ? 384 GLU A N   1 
ATOM   571 C CA  . GLU A 1 83 ? 4.769   -49.548 9.254  1.00 62.47  ? 384 GLU A CA  1 
ATOM   572 C C   . GLU A 1 83 ? 3.513   -50.396 9.469  1.00 63.06  ? 384 GLU A C   1 
ATOM   573 O O   . GLU A 1 83 ? 3.362   -51.017 10.531 1.00 63.30  ? 384 GLU A O   1 
ATOM   574 C CB  . GLU A 1 83 ? 4.676   -48.252 10.072 1.00 62.33  ? 384 GLU A CB  1 
ATOM   575 C CG  . GLU A 1 83 ? 5.935   -47.401 10.016 1.00 62.76  ? 384 GLU A CG  1 
ATOM   576 C CD  . GLU A 1 83 ? 7.033   -47.886 10.951 1.00 63.71  ? 384 GLU A CD  1 
ATOM   577 O OE1 . GLU A 1 83 ? 7.008   -49.067 11.369 1.00 62.92  ? 384 GLU A OE1 1 
ATOM   578 O OE2 . GLU A 1 83 ? 7.932   -47.073 11.274 1.00 64.82  ? 384 GLU A OE2 1 
ATOM   579 N N   . GLU A 1 84 ? 2.625   -50.416 8.470  1.00 63.74  ? 385 GLU A N   1 
ATOM   580 C CA  . GLU A 1 84 ? 1.364   -51.161 8.556  1.00 64.33  ? 385 GLU A CA  1 
ATOM   581 C C   . GLU A 1 84 ? 1.561   -52.630 8.979  1.00 64.40  ? 385 GLU A C   1 
ATOM   582 O O   . GLU A 1 84 ? 2.478   -53.319 8.507  1.00 64.34  ? 385 GLU A O   1 
ATOM   583 C CB  . GLU A 1 84 ? 0.535   -51.013 7.265  1.00 64.48  ? 385 GLU A CB  1 
ATOM   584 C CG  . GLU A 1 84 ? 0.905   -51.934 6.108  1.00 65.12  ? 385 GLU A CG  1 
ATOM   585 C CD  . GLU A 1 84 ? -0.256  -52.821 5.685  1.00 65.94  ? 385 GLU A CD  1 
ATOM   586 O OE1 . GLU A 1 84 ? -1.291  -52.276 5.237  1.00 66.16  ? 385 GLU A OE1 1 
ATOM   587 O OE2 . GLU A 1 84 ? -0.139  -54.063 5.804  1.00 66.31  ? 385 GLU A OE2 1 
ATOM   588 N N   . ARG A 1 85 ? 0.700   -53.077 9.891  1.00 64.54  ? 386 ARG A N   1 
ATOM   589 C CA  . ARG A 1 85 ? 0.853   -54.362 10.568 1.00 64.61  ? 386 ARG A CA  1 
ATOM   590 C C   . ARG A 1 85 ? -0.055  -55.441 9.985  1.00 64.59  ? 386 ARG A C   1 
ATOM   591 O O   . ARG A 1 85 ? 0.415   -56.505 9.581  1.00 64.53  ? 386 ARG A O   1 
ATOM   592 C CB  . ARG A 1 85 ? 0.583   -54.199 12.068 1.00 64.64  ? 386 ARG A CB  1 
ATOM   593 C CG  . ARG A 1 85 ? 1.497   -53.193 12.772 1.00 64.71  ? 386 ARG A CG  1 
ATOM   594 C CD  . ARG A 1 85 ? 1.067   -52.864 14.192 1.00 65.17  ? 386 ARG A CD  1 
ATOM   595 N NE  . ARG A 1 85 ? 2.010   -53.329 15.213 1.00 65.86  ? 386 ARG A NE  1 
ATOM   596 C CZ  . ARG A 1 85 ? 2.230   -54.606 15.544 1.00 66.41  ? 386 ARG A CZ  1 
ATOM   597 N NH1 . ARG A 1 85 ? 1.595   -55.601 14.930 1.00 66.67  ? 386 ARG A NH1 1 
ATOM   598 N NH2 . ARG A 1 85 ? 3.107   -54.893 16.497 1.00 66.77  ? 386 ARG A NH2 1 
HETATM 599 O O   . HOH B 2 .  ? -1.085  -16.307 7.077  1.00 51.08  ? 2   HOH A O   1 
HETATM 600 O O   . HOH B 2 .  ? -2.834  8.491   -5.093 1.00 43.63  ? 3   HOH A O   1 
HETATM 601 O O   . HOH B 2 .  ? 7.284   -26.243 -2.502 1.00 41.66  ? 4   HOH A O   1 
HETATM 602 O O   . HOH B 2 .  ? 0.212   -32.633 4.463  1.00 42.85  ? 5   HOH A O   1 
HETATM 603 O O   . HOH B 2 .  ? 0.019   2.445   -7.137 1.00 56.92  ? 7   HOH A O   1 
HETATM 604 O O   . HOH B 2 .  ? 6.874   -9.540  3.623  1.00 68.77  ? 8   HOH A O   1 
HETATM 605 O O   . HOH B 2 .  ? 2.493   22.070  1.410  1.00 46.65  ? 9   HOH A O   1 
HETATM 606 O O   . HOH B 2 .  ? 10.397  -29.824 -0.718 1.00 38.57  ? 10  HOH A O   1 
HETATM 607 O O   . HOH B 2 .  ? 4.412   5.624   1.296  1.00 59.05  ? 11  HOH A O   1 
HETATM 608 O O   . HOH B 2 .  ? 2.781   14.325  3.418  1.00 50.66  ? 12  HOH A O   1 
HETATM 609 O O   . HOH B 2 .  ? -2.209  4.780   -8.037 1.00 65.23  ? 13  HOH A O   1 
HETATM 610 O O   . HOH B 2 .  ? 4.207   18.375  -3.300 1.00 52.89  ? 14  HOH A O   1 
HETATM 611 O O   . HOH B 2 .  ? 0.095   -27.143 6.581  1.00 49.69  ? 15  HOH A O   1 
HETATM 612 O O   . HOH B 2 .  ? 6.475   13.235  -6.224 1.00 70.28  ? 17  HOH A O   1 
HETATM 613 O O   . HOH B 2 .  ? 1.393   -37.650 9.775  1.00 61.60  ? 18  HOH A O   1 
HETATM 614 O O   . HOH B 2 .  ? 10.737  -27.936 -2.799 1.00 49.46  ? 19  HOH A O   1 
HETATM 615 O O   . HOH B 2 .  ? 8.186   -28.399 -3.569 1.00 47.04  ? 20  HOH A O   1 
HETATM 616 O O   . HOH B 2 .  ? 3.594   19.918  1.492  1.00 47.42  ? 21  HOH A O   1 
HETATM 617 O O   . HOH B 2 .  ? -1.991  -29.272 -0.560 1.00 57.75  ? 22  HOH A O   1 
HETATM 618 O O   . HOH B 2 .  ? -2.393  38.251  4.208  1.00 93.43  ? 23  HOH A O   1 
HETATM 619 O O   . HOH B 2 .  ? 1.198   -30.785 5.881  1.00 49.03  ? 24  HOH A O   1 
HETATM 620 O O   . HOH B 2 .  ? 9.147   -46.960 0.895  1.00 68.95  ? 101 HOH A O   1 
HETATM 621 O O   . HOH B 2 .  ? 9.457   -46.647 8.838  1.00 68.04  ? 115 HOH A O   1 
HETATM 622 O O   . HOH B 2 .  ? -2.353  -12.674 -1.357 1.00 62.68  ? 118 HOH A O   1 
HETATM 623 O O   . HOH B 2 .  ? 1.919   11.473  5.466  1.00 47.85  ? 131 HOH A O   1 
# 
